data_4JEX
#
_entry.id   4JEX
#
_cell.length_a   96.990
_cell.length_b   112.780
_cell.length_c   65.340
_cell.angle_alpha   90.00
_cell.angle_beta   90.00
_cell.angle_gamma   90.00
#
_symmetry.space_group_name_H-M   'P 21 21 2'
#
loop_
_entity.id
_entity.type
_entity.pdbx_description
1 polymer 'Acetylornithine/succinyldiaminopimelate aminotransferase'
2 non-polymer 1,2-ETHANEDIOL
3 non-polymer 'ACETATE ION'
4 non-polymer '(2S)-2-azanyl-4-[(E)-[2-methyl-3-oxidanyl-5-(phosphonooxymethyl)pyridin-4-yl]methylideneamino]oxy-butanoic acid'
5 non-polymer 'SODIUM ION'
6 non-polymer 'PICRIC ACID'
7 water water
#
_entity_poly.entity_id   1
_entity_poly.type   'polypeptide(L)'
_entity_poly.pdbx_seq_one_letter_code
;MRGSHHHHHHGMASHMATEQTAITRATFDEVILPVKAPADFIPVKGKGSRVWDQQGKEYIDFAGGIAVTALGHCHPALVE
ALKSQGETLWHTSNVFTNEPALRLGRKLIDATFAERVLFMNSGTEANETAFKLARHYACVRHSPFKTKIIAFHNAFHGRS
LFTVSVGGQPKYSDGFGPKPADIIHVPFNDLHAVKAVMDDHTCAVVVEPIQGEGGVQAATPEFLKGLRDLCDEHQALLVF
DEVQCGMGRTGDLFAYMHYGVTPDILTSAKALGGGFPVSAMLTTQEIASAFHVGSHGSTYGGNPLACAVAGATFDIINTP
EVLQGIHTKRQQFVQHLQAIDEQFDIFSDIRGMGLLIGAELKPKYKGRARDFLYAGAEAGVMVLNAGADVMRFAPSLVVE
EADIHEGMQRFAQAVGKVVALE
;
_entity_poly.pdbx_strand_id   A,B
#
loop_
_chem_comp.id
_chem_comp.type
_chem_comp.name
_chem_comp.formula
ACT non-polymer 'ACETATE ION' 'C2 H3 O2 -1'
EDO non-polymer 1,2-ETHANEDIOL 'C2 H6 O2'
NA non-polymer 'SODIUM ION' 'Na 1'
P00 non-polymer '(2S)-2-azanyl-4-[(E)-[2-methyl-3-oxidanyl-5-(phosphonooxymethyl)pyridin-4-yl]methylideneamino]oxy-butanoic acid' 'C12 H18 N3 O8 P'
TNF non-polymer 'PICRIC ACID' 'C6 H3 N3 O7'
#
# COMPACT_ATOMS: atom_id res chain seq x y z
N ALA A 39 17.13 10.31 12.35
CA ALA A 39 18.38 9.49 12.23
C ALA A 39 19.52 10.26 11.57
N ASP A 40 20.74 10.08 12.10
CA ASP A 40 21.92 10.81 11.62
C ASP A 40 22.85 9.99 10.72
N PHE A 41 22.37 8.87 10.19
CA PHE A 41 23.14 8.09 9.22
C PHE A 41 22.23 7.51 8.15
N ILE A 42 22.80 7.16 7.00
CA ILE A 42 22.06 6.56 5.89
C ILE A 42 22.54 5.14 5.66
N PRO A 43 21.70 4.14 5.98
CA PRO A 43 22.07 2.75 5.69
C PRO A 43 22.18 2.55 4.18
N VAL A 44 23.23 1.86 3.75
CA VAL A 44 23.42 1.56 2.32
C VAL A 44 23.43 0.09 2.00
N LYS A 45 23.83 -0.73 2.97
CA LYS A 45 23.95 -2.16 2.72
C LYS A 45 23.61 -2.91 3.99
N GLY A 46 23.02 -4.09 3.82
CA GLY A 46 22.70 -4.93 4.99
C GLY A 46 22.92 -6.39 4.64
N LYS A 47 23.41 -7.15 5.61
CA LYS A 47 23.53 -8.59 5.50
C LYS A 47 23.20 -9.19 6.84
N GLY A 48 22.14 -10.00 6.89
CA GLY A 48 21.71 -10.57 8.16
C GLY A 48 21.30 -9.45 9.10
N SER A 49 21.90 -9.43 10.29
CA SER A 49 21.57 -8.40 11.28
C SER A 49 22.68 -7.34 11.39
N ARG A 50 23.50 -7.22 10.35
CA ARG A 50 24.49 -6.14 10.30
C ARG A 50 24.20 -5.21 9.14
N VAL A 51 24.37 -3.91 9.39
CA VAL A 51 24.02 -2.85 8.44
C VAL A 51 25.23 -1.91 8.35
N TRP A 52 25.51 -1.40 7.14
CA TRP A 52 26.61 -0.44 6.94
C TRP A 52 26.07 0.84 6.42
N ASP A 53 26.59 1.96 6.93
CA ASP A 53 26.21 3.28 6.44
C ASP A 53 27.15 3.77 5.33
N GLN A 54 26.94 5.01 4.91
CA GLN A 54 27.70 5.55 3.78
C GLN A 54 29.18 5.70 4.08
N GLN A 55 29.53 5.76 5.37
CA GLN A 55 30.93 5.84 5.77
C GLN A 55 31.54 4.47 6.09
N GLY A 56 30.79 3.40 5.82
CA GLY A 56 31.24 2.05 6.15
C GLY A 56 31.19 1.66 7.61
N LYS A 57 30.57 2.49 8.45
CA LYS A 57 30.35 2.14 9.86
C LYS A 57 29.38 0.97 9.92
N GLU A 58 29.70 -0.01 10.76
CA GLU A 58 28.95 -1.24 10.93
C GLU A 58 28.06 -1.18 12.15
N TYR A 59 26.78 -1.48 11.95
CA TYR A 59 25.76 -1.46 13.02
C TYR A 59 25.17 -2.85 13.19
N ILE A 60 24.77 -3.15 14.42
CA ILE A 60 23.95 -4.32 14.70
C ILE A 60 22.49 -3.88 14.69
N ASP A 61 21.68 -4.60 13.94
CA ASP A 61 20.29 -4.21 13.76
C ASP A 61 19.35 -4.98 14.68
N PHE A 62 18.91 -4.31 15.74
CA PHE A 62 17.92 -4.90 16.65
C PHE A 62 16.54 -4.28 16.41
N ALA A 63 16.42 -3.50 15.34
CA ALA A 63 15.16 -2.79 15.04
C ALA A 63 14.36 -3.43 13.91
N GLY A 64 15.06 -4.04 12.95
CA GLY A 64 14.39 -4.70 11.82
C GLY A 64 13.53 -3.78 10.97
N GLY A 65 13.86 -2.49 10.91
CA GLY A 65 13.02 -1.55 10.15
C GLY A 65 11.63 -1.43 10.76
N ILE A 66 11.57 -1.64 12.08
CA ILE A 66 10.33 -1.71 12.88
C ILE A 66 9.62 -3.06 12.64
N ALA A 67 10.34 -4.13 12.96
CA ALA A 67 9.79 -5.52 12.95
C ALA A 67 9.41 -6.03 11.56
N VAL A 68 10.07 -5.49 10.53
CA VAL A 68 9.80 -5.84 9.14
C VAL A 68 10.77 -6.91 8.62
N THR A 69 12.07 -6.66 8.79
CA THR A 69 13.07 -7.58 8.22
C THR A 69 13.26 -8.76 9.18
N ALA A 70 12.22 -9.57 9.26
CA ALA A 70 12.16 -10.72 10.15
C ALA A 70 13.16 -11.83 9.82
N LEU A 71 13.76 -11.78 8.63
CA LEU A 71 14.84 -12.74 8.30
C LEU A 71 16.14 -12.02 8.01
N GLY A 72 16.25 -10.79 8.50
CA GLY A 72 17.45 -9.99 8.29
C GLY A 72 17.52 -9.42 6.89
N HIS A 73 18.64 -8.79 6.61
CA HIS A 73 18.86 -8.13 5.32
C HIS A 73 19.43 -9.06 4.30
N CYS A 74 18.87 -8.99 3.09
CA CYS A 74 19.34 -9.76 1.95
C CYS A 74 19.53 -11.25 2.27
N HIS A 75 18.52 -11.85 2.87
CA HIS A 75 18.56 -13.28 3.13
C HIS A 75 18.66 -13.99 1.81
N PRO A 76 19.63 -14.91 1.67
N PRO A 76 19.59 -14.96 1.68
CA PRO A 76 19.83 -15.62 0.39
CA PRO A 76 19.79 -15.55 0.36
C PRO A 76 18.58 -16.26 -0.21
C PRO A 76 18.57 -16.26 -0.23
N ALA A 77 17.71 -16.84 0.62
CA ALA A 77 16.50 -17.48 0.11
C ALA A 77 15.51 -16.45 -0.47
N LEU A 78 15.45 -15.28 0.17
CA LEU A 78 14.55 -14.22 -0.25
C LEU A 78 15.09 -13.54 -1.49
N VAL A 79 16.42 -13.35 -1.54
CA VAL A 79 17.07 -12.82 -2.75
C VAL A 79 16.85 -13.78 -3.92
N GLU A 80 16.98 -15.09 -3.68
CA GLU A 80 16.75 -16.08 -4.74
C GLU A 80 15.32 -15.99 -5.28
N ALA A 81 14.33 -15.92 -4.38
CA ALA A 81 12.93 -15.84 -4.79
C ALA A 81 12.66 -14.56 -5.58
N LEU A 82 13.24 -13.45 -5.12
CA LEU A 82 13.09 -12.16 -5.78
C LEU A 82 13.65 -12.24 -7.20
N LYS A 83 14.84 -12.79 -7.35
CA LYS A 83 15.48 -12.81 -8.66
C LYS A 83 14.77 -13.76 -9.60
N SER A 84 14.33 -14.91 -9.09
CA SER A 84 13.67 -15.91 -9.93
CA SER A 84 13.66 -15.91 -9.93
C SER A 84 12.33 -15.38 -10.44
N GLN A 85 11.49 -14.89 -9.54
CA GLN A 85 10.20 -14.37 -9.97
C GLN A 85 10.41 -13.08 -10.79
N GLY A 86 11.48 -12.34 -10.46
CA GLY A 86 11.82 -11.10 -11.17
C GLY A 86 12.15 -11.30 -12.65
N GLU A 87 12.50 -12.53 -13.01
CA GLU A 87 12.78 -12.91 -14.40
C GLU A 87 11.56 -13.43 -15.13
N THR A 88 10.47 -13.61 -14.38
CA THR A 88 9.32 -14.36 -14.85
C THR A 88 8.08 -13.48 -15.06
N LEU A 89 7.65 -12.82 -13.99
CA LEU A 89 6.44 -12.00 -14.02
C LEU A 89 6.38 -11.22 -12.73
N TRP A 90 6.28 -9.90 -12.84
CA TRP A 90 6.23 -9.08 -11.61
C TRP A 90 4.83 -8.78 -11.20
N HIS A 91 3.97 -8.52 -12.17
CA HIS A 91 2.72 -7.84 -11.91
C HIS A 91 1.54 -8.44 -12.59
N THR A 92 0.44 -8.55 -11.84
CA THR A 92 -0.90 -8.82 -12.41
C THR A 92 -1.83 -7.85 -11.71
N SER A 93 -2.86 -7.39 -12.40
CA SER A 93 -3.92 -6.65 -11.71
C SER A 93 -4.82 -7.62 -10.94
N ASN A 94 -5.73 -7.05 -10.15
CA ASN A 94 -6.63 -7.87 -9.35
C ASN A 94 -7.72 -8.59 -10.15
N VAL A 95 -7.78 -8.32 -11.44
CA VAL A 95 -8.59 -9.12 -12.36
C VAL A 95 -8.11 -10.58 -12.38
N PHE A 96 -6.82 -10.79 -12.15
CA PHE A 96 -6.20 -12.09 -12.25
C PHE A 96 -5.69 -12.56 -10.93
N THR A 97 -5.42 -13.85 -10.84
CA THR A 97 -4.56 -14.36 -9.82
C THR A 97 -3.23 -14.69 -10.46
N ASN A 98 -2.32 -15.27 -9.68
CA ASN A 98 -1.02 -15.67 -10.20
C ASN A 98 -0.50 -16.80 -9.33
N GLU A 99 0.47 -17.55 -9.83
CA GLU A 99 0.91 -18.73 -9.07
C GLU A 99 1.51 -18.39 -7.71
N PRO A 100 2.33 -17.33 -7.60
CA PRO A 100 2.85 -17.02 -6.26
C PRO A 100 1.75 -16.67 -5.26
N ALA A 101 0.73 -15.94 -5.70
CA ALA A 101 -0.38 -15.58 -4.82
C ALA A 101 -1.18 -16.82 -4.39
N LEU A 102 -1.47 -17.70 -5.35
CA LEU A 102 -2.16 -18.94 -5.04
C LEU A 102 -1.37 -19.80 -4.04
N ARG A 103 -0.05 -19.89 -4.22
N ARG A 103 -0.05 -19.90 -4.26
CA ARG A 103 0.75 -20.71 -3.33
CA ARG A 103 0.84 -20.67 -3.38
C ARG A 103 0.85 -20.12 -1.93
C ARG A 103 0.80 -20.11 -1.96
N LEU A 104 0.95 -18.79 -1.85
CA LEU A 104 1.01 -18.11 -0.54
C LEU A 104 -0.33 -18.22 0.17
N GLY A 105 -1.41 -18.05 -0.58
CA GLY A 105 -2.75 -18.20 -0.03
C GLY A 105 -2.96 -19.60 0.54
N ARG A 106 -2.54 -20.61 -0.21
CA ARG A 106 -2.65 -21.99 0.25
C ARG A 106 -1.83 -22.23 1.53
N LYS A 107 -0.62 -21.66 1.59
CA LYS A 107 0.21 -21.80 2.80
C LYS A 107 -0.49 -21.21 4.01
N LEU A 108 -1.04 -20.01 3.86
CA LEU A 108 -1.72 -19.32 4.97
C LEU A 108 -3.00 -20.02 5.38
N ILE A 109 -3.78 -20.48 4.41
CA ILE A 109 -5.02 -21.22 4.67
C ILE A 109 -4.70 -22.54 5.39
N ASP A 110 -3.68 -23.26 4.94
CA ASP A 110 -3.36 -24.54 5.58
C ASP A 110 -2.86 -24.36 7.01
N ALA A 111 -2.16 -23.25 7.27
CA ALA A 111 -1.51 -23.03 8.55
C ALA A 111 -2.37 -22.33 9.60
N THR A 112 -3.50 -21.79 9.20
CA THR A 112 -4.27 -20.91 10.10
C THR A 112 -5.75 -21.23 10.05
N PHE A 113 -6.53 -20.49 10.82
CA PHE A 113 -8.00 -20.59 10.81
C PHE A 113 -8.59 -20.14 9.47
N ALA A 114 -7.81 -19.41 8.67
CA ALA A 114 -8.34 -18.79 7.45
C ALA A 114 -8.82 -19.80 6.41
N GLU A 115 -9.85 -19.40 5.67
CA GLU A 115 -10.31 -20.12 4.48
C GLU A 115 -10.16 -19.25 3.24
N ARG A 116 -9.96 -17.95 3.46
CA ARG A 116 -9.85 -16.98 2.37
C ARG A 116 -8.80 -15.97 2.72
N VAL A 117 -8.08 -15.50 1.70
CA VAL A 117 -6.99 -14.55 1.87
C VAL A 117 -7.08 -13.47 0.80
N LEU A 118 -7.01 -12.21 1.21
CA LEU A 118 -6.92 -11.09 0.29
C LEU A 118 -5.56 -10.46 0.50
N PHE A 119 -4.82 -10.24 -0.58
CA PHE A 119 -3.50 -9.64 -0.48
C PHE A 119 -3.50 -8.18 -0.92
N MET A 120 -2.72 -7.38 -0.20
CA MET A 120 -2.54 -5.95 -0.48
CA MET A 120 -2.55 -5.96 -0.48
C MET A 120 -1.04 -5.65 -0.36
N ASN A 121 -0.69 -4.37 -0.24
CA ASN A 121 0.74 -3.98 -0.09
C ASN A 121 1.15 -3.75 1.35
N SER A 122 0.33 -3.05 2.10
CA SER A 122 0.75 -2.60 3.41
C SER A 122 -0.20 -3.06 4.49
N GLY A 123 0.26 -2.98 5.73
CA GLY A 123 -0.61 -3.24 6.89
C GLY A 123 -1.78 -2.27 6.92
N THR A 124 -1.55 -1.02 6.54
CA THR A 124 -2.63 -0.03 6.49
C THR A 124 -3.71 -0.49 5.52
N GLU A 125 -3.33 -0.93 4.31
CA GLU A 125 -4.33 -1.40 3.35
C GLU A 125 -5.03 -2.66 3.82
N ALA A 126 -4.30 -3.57 4.46
CA ALA A 126 -4.92 -4.79 4.97
C ALA A 126 -5.93 -4.45 6.06
N ASN A 127 -5.59 -3.50 6.92
CA ASN A 127 -6.51 -3.08 7.97
C ASN A 127 -7.72 -2.35 7.38
N GLU A 128 -7.53 -1.54 6.34
CA GLU A 128 -8.66 -0.90 5.66
C GLU A 128 -9.62 -1.98 5.19
N THR A 129 -9.08 -3.02 4.57
CA THR A 129 -9.88 -4.12 4.04
C THR A 129 -10.60 -4.85 5.16
N ALA A 130 -9.90 -5.15 6.25
CA ALA A 130 -10.52 -5.84 7.39
C ALA A 130 -11.62 -5.02 8.00
N PHE A 131 -11.39 -3.72 8.16
CA PHE A 131 -12.38 -2.89 8.83
C PHE A 131 -13.61 -2.64 7.93
N LYS A 132 -13.37 -2.40 6.63
CA LYS A 132 -14.43 -2.29 5.66
C LYS A 132 -15.22 -3.59 5.61
N LEU A 133 -14.53 -4.73 5.62
CA LEU A 133 -15.23 -6.02 5.55
C LEU A 133 -16.09 -6.26 6.80
N ALA A 134 -15.56 -5.97 7.98
CA ALA A 134 -16.37 -6.14 9.18
C ALA A 134 -17.62 -5.24 9.13
N ARG A 135 -17.44 -4.00 8.66
CA ARG A 135 -18.58 -3.10 8.50
C ARG A 135 -19.57 -3.64 7.49
N HIS A 136 -19.06 -4.09 6.35
CA HIS A 136 -19.94 -4.52 5.28
C HIS A 136 -20.70 -5.79 5.62
N TYR A 137 -19.99 -6.75 6.21
CA TYR A 137 -20.62 -7.95 6.72
C TYR A 137 -21.76 -7.61 7.67
N ALA A 138 -21.54 -6.71 8.64
CA ALA A 138 -22.60 -6.33 9.55
C ALA A 138 -23.77 -5.72 8.79
N CYS A 139 -23.47 -4.86 7.83
CA CYS A 139 -24.48 -4.16 7.04
C CYS A 139 -25.39 -5.15 6.32
N VAL A 140 -24.79 -6.11 5.63
CA VAL A 140 -25.60 -6.99 4.76
C VAL A 140 -26.13 -8.23 5.46
N ARG A 141 -25.48 -8.64 6.55
CA ARG A 141 -25.92 -9.85 7.27
C ARG A 141 -26.77 -9.54 8.49
N HIS A 142 -26.73 -8.31 8.99
CA HIS A 142 -27.47 -7.96 10.22
C HIS A 142 -28.30 -6.73 10.06
N SER A 143 -27.66 -5.57 9.90
CA SER A 143 -28.38 -4.31 9.80
C SER A 143 -27.46 -3.21 9.35
N PRO A 144 -27.97 -2.27 8.53
CA PRO A 144 -27.14 -1.13 8.16
C PRO A 144 -26.77 -0.25 9.36
N PHE A 145 -27.47 -0.41 10.49
CA PHE A 145 -27.22 0.39 11.69
C PHE A 145 -26.19 -0.21 12.63
N LYS A 146 -25.71 -1.43 12.31
CA LYS A 146 -24.75 -2.13 13.15
C LYS A 146 -23.36 -1.71 12.73
N THR A 147 -22.93 -0.58 13.27
CA THR A 147 -21.74 0.09 12.78
C THR A 147 -20.66 0.36 13.84
N LYS A 148 -20.93 0.14 15.13
CA LYS A 148 -19.92 0.51 16.13
C LYS A 148 -18.68 -0.39 16.05
N ILE A 149 -17.51 0.25 16.07
CA ILE A 149 -16.23 -0.46 16.14
C ILE A 149 -15.63 -0.12 17.49
N ILE A 150 -15.29 -1.15 18.26
CA ILE A 150 -14.58 -0.95 19.52
C ILE A 150 -13.09 -1.16 19.30
N ALA A 151 -12.30 -0.18 19.73
CA ALA A 151 -10.84 -0.26 19.62
C ALA A 151 -10.23 0.26 20.91
N PHE A 152 -8.90 0.31 20.96
CA PHE A 152 -8.25 0.51 22.26
C PHE A 152 -7.32 1.70 22.31
N HIS A 153 -7.30 2.37 23.46
CA HIS A 153 -6.32 3.44 23.66
C HIS A 153 -4.93 2.91 23.38
N ASN A 154 -4.12 3.76 22.73
CA ASN A 154 -2.73 3.44 22.36
C ASN A 154 -2.59 2.47 21.20
N ALA A 155 -3.70 2.05 20.61
CA ALA A 155 -3.63 1.18 19.44
C ALA A 155 -2.98 1.88 18.25
N PHE A 156 -2.27 1.12 17.42
CA PHE A 156 -1.80 1.62 16.15
C PHE A 156 -2.25 0.67 15.05
N HIS A 157 -2.97 1.20 14.06
CA HIS A 157 -3.48 0.39 12.97
C HIS A 157 -3.13 0.92 11.60
N GLY A 158 -2.35 2.00 11.54
CA GLY A 158 -2.00 2.62 10.25
C GLY A 158 -2.27 4.10 10.21
N ARG A 159 -1.95 4.71 9.07
CA ARG A 159 -2.02 6.16 8.96
C ARG A 159 -3.03 6.67 7.94
N SER A 160 -3.80 5.78 7.33
CA SER A 160 -4.94 6.28 6.54
C SER A 160 -5.95 6.93 7.46
N LEU A 161 -6.88 7.70 6.91
CA LEU A 161 -7.84 8.39 7.79
C LEU A 161 -8.66 7.39 8.62
N PHE A 162 -9.15 6.33 7.98
CA PHE A 162 -9.96 5.35 8.69
C PHE A 162 -9.11 4.61 9.70
N THR A 163 -7.94 4.10 9.29
CA THR A 163 -7.15 3.29 10.21
C THR A 163 -6.60 4.08 11.38
N VAL A 164 -6.23 5.34 11.16
CA VAL A 164 -5.71 6.18 12.23
C VAL A 164 -6.84 6.57 13.22
N SER A 165 -8.06 6.58 12.70
CA SER A 165 -9.22 6.85 13.56
C SER A 165 -9.60 5.63 14.40
N VAL A 166 -9.37 4.42 13.88
CA VAL A 166 -9.50 3.21 14.70
C VAL A 166 -8.32 3.12 15.66
N GLY A 167 -7.15 3.53 15.23
CA GLY A 167 -6.01 3.71 16.16
C GLY A 167 -6.39 4.57 17.35
N GLY A 168 -5.69 4.37 18.46
CA GLY A 168 -6.06 4.99 19.75
C GLY A 168 -5.14 6.08 20.25
N GLN A 169 -4.56 6.84 19.33
CA GLN A 169 -3.74 8.00 19.69
CA GLN A 169 -3.72 7.98 19.68
C GLN A 169 -4.34 9.23 19.04
N PRO A 170 -5.18 9.97 19.81
CA PRO A 170 -5.88 11.15 19.27
C PRO A 170 -4.97 12.14 18.58
N LYS A 171 -3.75 12.31 19.09
CA LYS A 171 -2.74 13.21 18.49
C LYS A 171 -2.50 12.89 17.02
N TYR A 172 -2.60 11.62 16.64
CA TYR A 172 -2.31 11.17 15.29
C TYR A 172 -3.55 11.27 14.40
N SER A 173 -4.73 11.31 14.99
CA SER A 173 -5.97 11.36 14.19
C SER A 173 -6.61 12.76 14.16
N ASP A 174 -6.17 13.65 15.04
CA ASP A 174 -6.64 15.04 15.05
C ASP A 174 -6.12 15.81 13.84
N GLY A 175 -6.91 16.72 13.32
CA GLY A 175 -6.39 17.72 12.37
C GLY A 175 -6.50 17.38 10.90
N PHE A 176 -7.33 16.40 10.55
CA PHE A 176 -7.52 15.99 9.14
C PHE A 176 -8.97 16.13 8.70
N GLY A 177 -9.76 16.89 9.46
CA GLY A 177 -11.17 17.10 9.17
C GLY A 177 -11.98 15.92 9.67
N PRO A 178 -13.23 15.83 9.23
CA PRO A 178 -14.14 14.89 9.88
C PRO A 178 -13.70 13.44 9.79
N LYS A 179 -13.57 12.80 10.94
CA LYS A 179 -13.15 11.41 11.00
C LYS A 179 -14.30 10.48 10.72
N PRO A 180 -14.03 9.32 10.11
CA PRO A 180 -15.10 8.30 10.04
C PRO A 180 -15.64 8.01 11.44
N ALA A 181 -16.97 8.06 11.57
CA ALA A 181 -17.62 7.98 12.87
C ALA A 181 -17.86 6.54 13.35
N ASP A 182 -18.45 6.42 14.54
CA ASP A 182 -18.84 5.13 15.14
C ASP A 182 -17.65 4.25 15.52
N ILE A 183 -16.61 4.90 16.03
CA ILE A 183 -15.47 4.21 16.61
C ILE A 183 -15.35 4.60 18.07
N ILE A 184 -15.31 3.62 18.96
CA ILE A 184 -15.26 3.87 20.41
C ILE A 184 -13.97 3.31 20.95
N HIS A 185 -13.26 4.10 21.75
CA HIS A 185 -12.00 3.65 22.38
C HIS A 185 -12.14 3.44 23.85
N VAL A 186 -11.65 2.29 24.32
CA VAL A 186 -11.56 1.97 25.75
C VAL A 186 -10.13 1.51 26.05
N PRO A 187 -9.77 1.38 27.34
CA PRO A 187 -8.39 0.99 27.65
C PRO A 187 -8.06 -0.44 27.24
N PHE A 188 -6.87 -0.62 26.68
CA PHE A 188 -6.36 -1.96 26.41
C PHE A 188 -6.39 -2.78 27.70
N ASN A 189 -6.73 -4.06 27.57
CA ASN A 189 -6.82 -4.99 28.70
C ASN A 189 -7.96 -4.76 29.70
N ASP A 190 -8.87 -3.82 29.38
CA ASP A 190 -10.02 -3.57 30.24
C ASP A 190 -11.29 -4.24 29.68
N LEU A 191 -11.51 -5.48 30.10
CA LEU A 191 -12.63 -6.24 29.59
C LEU A 191 -13.96 -5.66 30.02
N HIS A 192 -14.04 -5.18 31.27
CA HIS A 192 -15.27 -4.53 31.71
C HIS A 192 -15.66 -3.37 30.83
N ALA A 193 -14.71 -2.55 30.44
CA ALA A 193 -15.05 -1.41 29.58
C ALA A 193 -15.58 -1.87 28.23
N VAL A 194 -15.00 -2.94 27.68
CA VAL A 194 -15.53 -3.48 26.43
C VAL A 194 -16.97 -3.96 26.60
N LYS A 195 -17.22 -4.74 27.66
CA LYS A 195 -18.57 -5.21 27.93
C LYS A 195 -19.57 -4.05 28.01
N ALA A 196 -19.14 -2.94 28.60
CA ALA A 196 -20.00 -1.80 28.85
C ALA A 196 -20.41 -1.10 27.57
N VAL A 197 -19.52 -1.04 26.59
CA VAL A 197 -19.80 -0.27 25.38
C VAL A 197 -20.43 -1.14 24.27
N MET A 198 -20.25 -2.44 24.35
CA MET A 198 -20.74 -3.31 23.29
C MET A 198 -22.23 -3.53 23.38
N ASP A 199 -22.84 -3.67 22.21
CA ASP A 199 -24.27 -3.86 22.09
C ASP A 199 -24.60 -4.47 20.73
N ASP A 200 -25.90 -4.60 20.47
CA ASP A 200 -26.35 -5.17 19.20
C ASP A 200 -26.01 -4.31 17.99
N HIS A 201 -25.62 -3.07 18.24
CA HIS A 201 -25.23 -2.16 17.16
C HIS A 201 -23.74 -2.17 16.91
N THR A 202 -23.03 -3.11 17.53
CA THR A 202 -21.58 -3.23 17.39
C THR A 202 -21.22 -4.22 16.30
N CYS A 203 -20.37 -3.77 15.36
CA CYS A 203 -19.96 -4.65 14.27
C CYS A 203 -18.62 -5.33 14.49
N ALA A 204 -17.76 -4.76 15.33
CA ALA A 204 -16.40 -5.29 15.43
C ALA A 204 -15.72 -4.83 16.69
N VAL A 205 -14.79 -5.67 17.15
CA VAL A 205 -13.77 -5.28 18.12
C VAL A 205 -12.45 -5.47 17.41
N VAL A 206 -11.65 -4.42 17.38
CA VAL A 206 -10.36 -4.44 16.70
C VAL A 206 -9.28 -4.36 17.76
N VAL A 207 -8.35 -5.31 17.74
CA VAL A 207 -7.32 -5.34 18.78
C VAL A 207 -5.99 -5.87 18.23
N GLU A 208 -4.88 -5.31 18.71
CA GLU A 208 -3.55 -5.90 18.53
C GLU A 208 -3.33 -6.86 19.70
N PRO A 209 -3.08 -8.16 19.44
CA PRO A 209 -2.88 -9.05 20.59
C PRO A 209 -1.74 -8.60 21.50
N ILE A 210 -0.69 -8.04 20.91
CA ILE A 210 0.30 -7.27 21.65
C ILE A 210 0.36 -5.90 20.99
N GLN A 211 0.18 -4.84 21.78
CA GLN A 211 0.30 -3.48 21.25
C GLN A 211 1.78 -3.12 21.17
N GLY A 212 2.30 -3.03 19.96
CA GLY A 212 3.74 -2.82 19.76
C GLY A 212 4.10 -1.38 19.99
N GLU A 213 3.50 -0.47 19.20
CA GLU A 213 3.78 0.96 19.34
C GLU A 213 3.38 1.44 20.75
N GLY A 214 2.28 0.88 21.27
CA GLY A 214 1.71 1.30 22.56
C GLY A 214 2.42 0.70 23.78
N GLY A 215 3.74 0.78 23.79
CA GLY A 215 4.53 0.36 24.93
C GLY A 215 4.79 -1.13 25.10
N VAL A 216 4.58 -1.90 24.02
CA VAL A 216 4.80 -3.36 24.04
C VAL A 216 3.97 -4.00 25.16
N GLN A 217 2.65 -3.88 25.03
CA GLN A 217 1.74 -4.36 26.06
C GLN A 217 0.97 -5.55 25.51
N ALA A 218 1.10 -6.69 26.18
CA ALA A 218 0.42 -7.92 25.75
C ALA A 218 -0.95 -8.03 26.36
N ALA A 219 -1.91 -8.53 25.58
CA ALA A 219 -3.23 -8.86 26.12
C ALA A 219 -3.09 -9.90 27.22
N THR A 220 -3.90 -9.80 28.26
CA THR A 220 -4.01 -10.91 29.18
C THR A 220 -4.88 -12.00 28.58
N PRO A 221 -4.69 -13.25 29.01
CA PRO A 221 -5.54 -14.33 28.51
C PRO A 221 -7.02 -14.09 28.72
N GLU A 222 -7.43 -13.63 29.90
CA GLU A 222 -8.85 -13.40 30.19
CA GLU A 222 -8.87 -13.46 30.12
C GLU A 222 -9.43 -12.29 29.31
N PHE A 223 -8.63 -11.25 29.07
CA PHE A 223 -9.08 -10.16 28.19
C PHE A 223 -9.34 -10.65 26.78
N LEU A 224 -8.37 -11.37 26.21
CA LEU A 224 -8.51 -11.76 24.82
C LEU A 224 -9.64 -12.79 24.65
N LYS A 225 -9.74 -13.75 25.56
CA LYS A 225 -10.84 -14.70 25.53
C LYS A 225 -12.17 -13.98 25.71
N GLY A 226 -12.17 -12.98 26.59
CA GLY A 226 -13.37 -12.19 26.85
C GLY A 226 -13.84 -11.47 25.59
N LEU A 227 -12.91 -10.98 24.77
CA LEU A 227 -13.29 -10.32 23.53
C LEU A 227 -14.00 -11.31 22.61
N ARG A 228 -13.49 -12.53 22.55
CA ARG A 228 -14.09 -13.55 21.72
C ARG A 228 -15.52 -13.84 22.19
N ASP A 229 -15.70 -13.94 23.50
CA ASP A 229 -17.01 -14.25 24.04
C ASP A 229 -18.00 -13.11 23.80
N LEU A 230 -17.55 -11.87 23.98
CA LEU A 230 -18.42 -10.72 23.77
C LEU A 230 -18.78 -10.56 22.30
N CYS A 231 -17.82 -10.84 21.41
CA CYS A 231 -18.13 -10.79 19.98
C CYS A 231 -19.17 -11.85 19.62
N ASP A 232 -19.02 -13.05 20.16
CA ASP A 232 -20.02 -14.10 19.94
C ASP A 232 -21.39 -13.65 20.42
N GLU A 233 -21.45 -13.06 21.61
CA GLU A 233 -22.71 -12.64 22.23
C GLU A 233 -23.43 -11.59 21.40
N HIS A 234 -22.67 -10.65 20.85
CA HIS A 234 -23.26 -9.49 20.15
C HIS A 234 -23.23 -9.62 18.67
N GLN A 235 -22.86 -10.79 18.15
CA GLN A 235 -22.76 -11.01 16.69
C GLN A 235 -21.85 -9.96 16.04
N ALA A 236 -20.74 -9.66 16.69
CA ALA A 236 -19.71 -8.77 16.15
C ALA A 236 -18.51 -9.60 15.74
N LEU A 237 -17.70 -9.08 14.83
CA LEU A 237 -16.48 -9.77 14.41
C LEU A 237 -15.28 -9.32 15.20
N LEU A 238 -14.49 -10.29 15.62
CA LEU A 238 -13.24 -10.03 16.33
C LEU A 238 -12.14 -9.93 15.28
N VAL A 239 -11.50 -8.77 15.24
CA VAL A 239 -10.45 -8.46 14.26
C VAL A 239 -9.11 -8.35 14.99
N PHE A 240 -8.17 -9.23 14.65
CA PHE A 240 -6.84 -9.16 15.24
C PHE A 240 -5.90 -8.50 14.24
N ASP A 241 -5.33 -7.38 14.65
CA ASP A 241 -4.27 -6.74 13.88
C ASP A 241 -2.95 -7.36 14.29
N GLU A 242 -2.46 -8.28 13.45
CA GLU A 242 -1.18 -8.94 13.69
C GLU A 242 -0.10 -8.47 12.70
N VAL A 243 -0.25 -7.23 12.26
CA VAL A 243 0.75 -6.64 11.37
C VAL A 243 2.13 -6.63 12.02
N GLN A 244 2.17 -6.31 13.31
CA GLN A 244 3.46 -6.32 14.01
C GLN A 244 3.75 -7.62 14.77
N CYS A 245 2.74 -8.21 15.38
CA CYS A 245 2.99 -9.38 16.23
C CYS A 245 2.86 -10.71 15.51
N GLY A 246 2.50 -10.67 14.22
CA GLY A 246 2.33 -11.90 13.44
C GLY A 246 3.57 -12.39 12.73
N MET A 247 3.40 -13.43 11.91
CA MET A 247 4.48 -14.01 11.12
C MET A 247 5.73 -14.32 11.93
N GLY A 248 5.51 -15.05 13.01
CA GLY A 248 6.61 -15.58 13.83
C GLY A 248 7.07 -14.72 14.96
N ARG A 249 6.69 -13.44 14.99
CA ARG A 249 7.27 -12.50 15.94
C ARG A 249 7.22 -12.99 17.39
N THR A 250 6.12 -13.63 17.78
CA THR A 250 5.94 -14.06 19.17
C THR A 250 6.52 -15.45 19.45
N GLY A 251 7.01 -16.13 18.42
CA GLY A 251 7.47 -17.51 18.59
C GLY A 251 6.40 -18.54 18.27
N ASP A 252 5.22 -18.08 17.89
CA ASP A 252 4.21 -18.86 17.19
C ASP A 252 3.98 -18.18 15.86
N LEU A 253 3.40 -18.88 14.88
CA LEU A 253 3.25 -18.24 13.58
C LEU A 253 2.44 -16.95 13.73
N PHE A 254 1.34 -17.03 14.47
CA PHE A 254 0.57 -15.83 14.83
C PHE A 254 0.31 -15.83 16.31
N ALA A 255 0.23 -14.63 16.88
CA ALA A 255 -0.03 -14.50 18.31
C ALA A 255 -1.31 -15.18 18.76
N TYR A 256 -2.34 -15.20 17.90
CA TYR A 256 -3.60 -15.84 18.28
C TYR A 256 -3.38 -17.29 18.66
N MET A 257 -2.36 -17.91 18.08
CA MET A 257 -2.06 -19.32 18.34
C MET A 257 -1.46 -19.50 19.72
N HIS A 258 -0.69 -18.51 20.16
CA HIS A 258 -0.17 -18.53 21.52
C HIS A 258 -1.30 -18.49 22.50
N TYR A 259 -2.27 -17.60 22.24
CA TYR A 259 -3.38 -17.41 23.18
C TYR A 259 -4.46 -18.46 23.08
N GLY A 260 -4.54 -19.16 21.95
CA GLY A 260 -5.64 -20.08 21.71
C GLY A 260 -6.99 -19.39 21.57
N VAL A 261 -7.00 -18.19 21.01
CA VAL A 261 -8.24 -17.46 20.75
C VAL A 261 -8.30 -17.18 19.26
N THR A 262 -9.34 -17.68 18.59
CA THR A 262 -9.45 -17.56 17.14
C THR A 262 -10.25 -16.33 16.77
N PRO A 263 -9.64 -15.41 16.00
CA PRO A 263 -10.40 -14.24 15.57
C PRO A 263 -11.26 -14.57 14.35
N ASP A 264 -12.11 -13.63 13.96
CA ASP A 264 -12.85 -13.72 12.70
C ASP A 264 -12.07 -13.24 11.49
N ILE A 265 -11.26 -12.19 11.71
CA ILE A 265 -10.46 -11.59 10.66
C ILE A 265 -9.11 -11.31 11.30
N LEU A 266 -8.03 -11.57 10.54
CA LEU A 266 -6.68 -11.28 11.02
C LEU A 266 -5.92 -10.56 9.90
N THR A 267 -5.13 -9.57 10.27
CA THR A 267 -4.28 -8.90 9.29
C THR A 267 -2.82 -9.15 9.58
N SER A 268 -2.04 -9.22 8.50
CA SER A 268 -0.62 -9.52 8.57
C SER A 268 0.11 -8.65 7.54
N ALA A 269 1.33 -8.23 7.84
CA ALA A 269 2.16 -7.49 6.88
C ALA A 269 3.57 -7.53 7.45
N LYS A 270 4.38 -6.50 7.20
CA LYS A 270 5.73 -6.39 7.78
C LYS A 270 6.57 -7.67 7.54
N ALA A 271 6.71 -8.52 8.54
CA ALA A 271 7.46 -9.75 8.42
C ALA A 271 7.01 -10.64 7.29
N LEU A 272 5.72 -10.56 6.92
CA LEU A 272 5.20 -11.41 5.86
C LEU A 272 6.07 -11.38 4.59
N GLY A 273 6.58 -10.19 4.24
CA GLY A 273 7.42 -10.04 3.05
C GLY A 273 8.89 -9.86 3.33
N GLY A 274 9.28 -9.87 4.60
CA GLY A 274 10.69 -9.79 4.99
C GLY A 274 11.40 -8.54 4.51
N GLY A 275 10.65 -7.47 4.22
CA GLY A 275 11.26 -6.27 3.63
C GLY A 275 10.66 -5.87 2.30
N PHE A 276 9.99 -6.79 1.62
CA PHE A 276 9.23 -6.45 0.43
C PHE A 276 7.81 -6.10 0.87
N PRO A 277 7.27 -4.95 0.42
CA PRO A 277 5.91 -4.58 0.89
C PRO A 277 4.85 -5.55 0.38
N VAL A 278 4.17 -6.19 1.33
CA VAL A 278 3.08 -7.13 1.07
C VAL A 278 2.25 -7.23 2.34
N SER A 279 0.96 -7.50 2.17
CA SER A 279 0.12 -7.70 3.34
C SER A 279 -1.01 -8.63 3.01
N ALA A 280 -1.70 -9.09 4.06
CA ALA A 280 -2.77 -10.06 3.90
C ALA A 280 -3.86 -9.84 4.92
N MET A 281 -5.08 -10.09 4.45
CA MET A 281 -6.22 -10.14 5.32
CA MET A 281 -6.26 -10.12 5.30
C MET A 281 -6.80 -11.55 5.22
N LEU A 282 -6.87 -12.20 6.38
CA LEU A 282 -7.28 -13.59 6.52
C LEU A 282 -8.64 -13.67 7.15
N THR A 283 -9.54 -14.45 6.56
CA THR A 283 -10.85 -14.63 7.16
C THR A 283 -11.48 -15.95 6.69
N THR A 284 -12.75 -16.14 7.03
CA THR A 284 -13.46 -17.35 6.63
C THR A 284 -14.24 -17.12 5.33
N GLN A 285 -14.70 -18.20 4.71
CA GLN A 285 -15.57 -18.09 3.53
CA GLN A 285 -15.55 -18.07 3.53
C GLN A 285 -16.87 -17.37 3.88
N GLU A 286 -17.45 -17.70 5.03
CA GLU A 286 -18.71 -17.05 5.41
C GLU A 286 -18.59 -15.52 5.48
N ILE A 287 -17.47 -15.04 6.01
CA ILE A 287 -17.29 -13.59 6.12
C ILE A 287 -16.88 -12.96 4.79
N ALA A 288 -15.91 -13.57 4.09
CA ALA A 288 -15.43 -13.04 2.82
C ALA A 288 -16.53 -12.97 1.77
N SER A 289 -17.53 -13.84 1.88
CA SER A 289 -18.65 -13.85 0.93
C SER A 289 -19.48 -12.57 0.94
N ALA A 290 -19.31 -11.74 1.98
CA ALA A 290 -19.98 -10.44 2.01
C ALA A 290 -19.43 -9.49 0.94
N PHE A 291 -18.21 -9.74 0.47
CA PHE A 291 -17.63 -8.93 -0.62
C PHE A 291 -18.12 -9.33 -2.03
N GLY A 297 -13.29 -18.48 -5.08
CA GLY A 297 -11.84 -18.70 -5.15
C GLY A 297 -11.23 -18.35 -3.81
N SER A 298 -10.13 -19.03 -3.45
CA SER A 298 -9.62 -18.86 -2.10
CA SER A 298 -9.48 -18.94 -2.13
C SER A 298 -8.78 -17.61 -1.88
N THR A 299 -8.27 -17.01 -2.93
CA THR A 299 -7.41 -15.83 -2.80
C THR A 299 -7.91 -14.66 -3.64
N TYR A 300 -7.52 -13.45 -3.27
CA TYR A 300 -7.78 -12.30 -4.12
C TYR A 300 -6.58 -11.39 -4.02
N GLY A 301 -6.17 -10.87 -5.16
CA GLY A 301 -5.06 -9.94 -5.24
C GLY A 301 -3.71 -10.61 -5.03
N GLY A 302 -2.70 -9.77 -4.83
CA GLY A 302 -1.37 -10.23 -4.57
C GLY A 302 -0.44 -9.97 -5.75
N ASN A 303 0.57 -9.17 -5.48
CA ASN A 303 1.62 -8.92 -6.47
C ASN A 303 2.47 -10.18 -6.64
N PRO A 304 2.65 -10.67 -7.88
CA PRO A 304 3.42 -11.93 -8.06
C PRO A 304 4.80 -11.88 -7.41
N LEU A 305 5.52 -10.78 -7.58
CA LEU A 305 6.85 -10.69 -7.01
C LEU A 305 6.78 -10.70 -5.49
N ALA A 306 5.90 -9.87 -4.94
CA ALA A 306 5.73 -9.79 -3.50
C ALA A 306 5.38 -11.15 -2.94
N CYS A 307 4.46 -11.84 -3.60
CA CYS A 307 4.00 -13.11 -3.07
C CYS A 307 5.04 -14.21 -3.19
N ALA A 308 5.90 -14.13 -4.19
CA ALA A 308 6.99 -15.11 -4.32
C ALA A 308 7.95 -14.93 -3.13
N VAL A 309 8.28 -13.68 -2.82
CA VAL A 309 9.15 -13.38 -1.68
C VAL A 309 8.50 -13.80 -0.37
N ALA A 310 7.22 -13.46 -0.19
CA ALA A 310 6.51 -13.84 1.04
C ALA A 310 6.41 -15.34 1.17
N GLY A 311 6.28 -16.07 0.06
CA GLY A 311 6.24 -17.54 0.12
C GLY A 311 7.54 -18.10 0.67
N ALA A 312 8.66 -17.56 0.23
CA ALA A 312 9.96 -18.01 0.71
C ALA A 312 10.14 -17.64 2.19
N THR A 313 9.65 -16.46 2.57
CA THR A 313 9.72 -16.01 3.95
C THR A 313 8.88 -16.93 4.83
N PHE A 314 7.64 -17.19 4.42
CA PHE A 314 6.74 -18.10 5.13
C PHE A 314 7.36 -19.49 5.34
N ASP A 315 7.97 -20.00 4.29
CA ASP A 315 8.54 -21.36 4.32
C ASP A 315 9.65 -21.48 5.36
N ILE A 316 10.38 -20.40 5.59
CA ILE A 316 11.43 -20.40 6.60
C ILE A 316 10.88 -20.16 8.00
N ILE A 317 10.04 -19.15 8.15
CA ILE A 317 9.52 -18.80 9.47
C ILE A 317 8.63 -19.92 10.04
N ASN A 318 7.81 -20.52 9.19
CA ASN A 318 6.90 -21.56 9.65
C ASN A 318 7.58 -22.92 9.72
N THR A 319 8.67 -22.99 10.48
CA THR A 319 9.36 -24.25 10.74
C THR A 319 9.54 -24.42 12.23
N PRO A 320 9.50 -25.67 12.71
CA PRO A 320 9.69 -25.87 14.16
C PRO A 320 10.98 -25.24 14.68
N GLU A 321 12.07 -25.41 13.94
CA GLU A 321 13.37 -24.94 14.41
C GLU A 321 13.44 -23.41 14.51
N VAL A 322 12.92 -22.71 13.52
CA VAL A 322 12.97 -21.25 13.57
C VAL A 322 12.08 -20.75 14.72
N LEU A 323 10.88 -21.29 14.84
CA LEU A 323 9.99 -20.89 15.93
C LEU A 323 10.57 -21.18 17.33
N GLN A 324 11.20 -22.34 17.49
CA GLN A 324 11.89 -22.65 18.76
C GLN A 324 13.02 -21.64 19.02
N GLY A 325 13.78 -21.33 17.97
CA GLY A 325 14.92 -20.43 18.08
C GLY A 325 14.54 -19.04 18.54
N ILE A 326 13.33 -18.61 18.19
CA ILE A 326 12.84 -17.27 18.60
C ILE A 326 12.79 -17.20 20.13
N HIS A 327 12.37 -18.28 20.77
CA HIS A 327 12.34 -18.32 22.23
C HIS A 327 13.71 -18.40 22.84
N THR A 328 14.61 -19.18 22.25
CA THR A 328 16.00 -19.23 22.71
C THR A 328 16.62 -17.84 22.69
N LYS A 329 16.42 -17.16 21.56
CA LYS A 329 17.01 -15.85 21.33
C LYS A 329 16.38 -14.81 22.24
N ARG A 330 15.07 -14.88 22.46
CA ARG A 330 14.46 -13.95 23.42
C ARG A 330 15.17 -14.03 24.75
N GLN A 331 15.45 -15.24 25.21
CA GLN A 331 16.09 -15.35 26.51
C GLN A 331 17.49 -14.77 26.52
N GLN A 332 18.20 -14.91 25.40
CA GLN A 332 19.51 -14.28 25.27
C GLN A 332 19.42 -12.75 25.39
N PHE A 333 18.47 -12.14 24.70
CA PHE A 333 18.24 -10.70 24.84
C PHE A 333 17.87 -10.30 26.26
N VAL A 334 16.90 -11.01 26.85
CA VAL A 334 16.39 -10.67 28.18
C VAL A 334 17.48 -10.79 29.24
N GLN A 335 18.32 -11.82 29.14
CA GLN A 335 19.45 -11.97 30.08
C GLN A 335 20.38 -10.76 30.00
N HIS A 336 20.65 -10.25 28.79
CA HIS A 336 21.45 -9.04 28.66
C HIS A 336 20.78 -7.81 29.21
N LEU A 337 19.48 -7.68 28.97
CA LEU A 337 18.75 -6.54 29.52
C LEU A 337 18.75 -6.56 31.05
N GLN A 338 18.64 -7.75 31.62
CA GLN A 338 18.71 -7.89 33.07
C GLN A 338 20.10 -7.51 33.59
N ALA A 339 21.14 -7.91 32.86
CA ALA A 339 22.53 -7.59 33.25
C ALA A 339 22.75 -6.08 33.19
N ILE A 340 22.22 -5.44 32.16
CA ILE A 340 22.30 -3.98 32.02
C ILE A 340 21.56 -3.31 33.17
N ASP A 341 20.39 -3.80 33.51
CA ASP A 341 19.64 -3.22 34.61
C ASP A 341 20.35 -3.41 35.96
N GLU A 342 21.00 -4.56 36.15
CA GLU A 342 21.74 -4.82 37.39
C GLU A 342 22.88 -3.82 37.54
N GLN A 343 23.52 -3.47 36.42
CA GLN A 343 24.64 -2.55 36.45
C GLN A 343 24.23 -1.09 36.54
N PHE A 344 23.16 -0.73 35.83
CA PHE A 344 22.84 0.68 35.61
C PHE A 344 21.53 1.15 36.23
N ASP A 345 20.65 0.21 36.61
CA ASP A 345 19.39 0.53 37.28
C ASP A 345 18.54 1.48 36.42
N ILE A 346 18.13 1.01 35.24
CA ILE A 346 17.38 1.86 34.32
C ILE A 346 15.99 1.36 33.92
N PHE A 347 15.72 0.07 34.15
CA PHE A 347 14.45 -0.54 33.71
C PHE A 347 13.53 -0.93 34.86
N SER A 348 12.23 -0.64 34.70
CA SER A 348 11.22 -1.08 35.64
C SER A 348 10.54 -2.38 35.21
N ASP A 349 10.63 -2.73 33.91
CA ASP A 349 9.92 -3.90 33.40
C ASP A 349 10.52 -4.34 32.08
N ILE A 350 10.57 -5.65 31.88
CA ILE A 350 10.97 -6.26 30.60
C ILE A 350 9.82 -7.16 30.17
N ARG A 351 9.28 -6.90 28.99
CA ARG A 351 8.05 -7.55 28.55
C ARG A 351 7.99 -7.80 27.05
N GLY A 352 6.81 -8.15 26.55
CA GLY A 352 6.66 -8.57 25.17
C GLY A 352 6.57 -10.07 25.05
N MET A 353 6.75 -10.57 23.84
CA MET A 353 6.61 -11.98 23.55
C MET A 353 7.55 -12.30 22.40
N GLY A 354 8.19 -13.47 22.45
CA GLY A 354 9.14 -13.85 21.41
C GLY A 354 10.18 -12.78 21.17
N LEU A 355 10.35 -12.36 19.92
CA LEU A 355 11.35 -11.35 19.61
C LEU A 355 10.72 -9.98 19.37
N LEU A 356 9.59 -9.73 20.03
CA LEU A 356 9.14 -8.38 20.28
C LEU A 356 9.40 -8.11 21.76
N ILE A 357 10.40 -7.29 22.06
CA ILE A 357 10.82 -7.06 23.45
C ILE A 357 10.65 -5.60 23.79
N GLY A 358 10.04 -5.33 24.94
CA GLY A 358 9.95 -3.98 25.48
C GLY A 358 10.68 -3.90 26.81
N ALA A 359 11.40 -2.81 27.03
CA ALA A 359 12.04 -2.56 28.32
C ALA A 359 11.63 -1.16 28.74
N GLU A 360 10.78 -1.10 29.77
CA GLU A 360 10.27 0.16 30.25
C GLU A 360 11.30 0.84 31.16
N LEU A 361 11.51 2.12 30.91
CA LEU A 361 12.46 2.90 31.71
C LEU A 361 11.85 3.27 33.06
N LYS A 362 12.70 3.25 34.08
CA LYS A 362 12.35 3.71 35.43
C LYS A 362 11.97 5.18 35.41
N PRO A 363 11.16 5.64 36.40
CA PRO A 363 10.67 7.03 36.48
C PRO A 363 11.77 8.07 36.28
N LYS A 364 12.96 7.82 36.80
CA LYS A 364 14.10 8.72 36.62
C LYS A 364 14.38 9.01 35.14
N TYR A 365 14.16 8.00 34.29
CA TYR A 365 14.41 8.14 32.86
C TYR A 365 13.14 8.23 32.00
N LYS A 366 11.99 8.41 32.65
CA LYS A 366 10.74 8.60 31.90
C LYS A 366 10.90 9.71 30.87
N GLY A 367 10.40 9.48 29.67
CA GLY A 367 10.44 10.46 28.59
C GLY A 367 11.72 10.46 27.76
N ARG A 368 12.69 9.65 28.15
CA ARG A 368 14.02 9.71 27.55
C ARG A 368 14.40 8.52 26.67
N ALA A 369 13.42 7.75 26.22
CA ALA A 369 13.70 6.60 25.34
C ALA A 369 14.53 7.03 24.13
N ARG A 370 14.25 8.24 23.63
CA ARG A 370 14.93 8.72 22.43
C ARG A 370 16.42 8.95 22.69
N ASP A 371 16.76 9.35 23.92
CA ASP A 371 18.17 9.57 24.29
C ASP A 371 18.94 8.25 24.21
N PHE A 372 18.32 7.18 24.71
CA PHE A 372 18.94 5.87 24.62
C PHE A 372 19.00 5.34 23.20
N LEU A 373 17.98 5.62 22.39
CA LEU A 373 18.00 5.22 20.99
C LEU A 373 19.18 5.91 20.25
N TYR A 374 19.33 7.21 20.47
CA TYR A 374 20.42 7.94 19.81
C TYR A 374 21.80 7.50 20.30
N ALA A 375 21.94 7.31 21.61
CA ALA A 375 23.20 6.78 22.15
C ALA A 375 23.50 5.39 21.60
N GLY A 376 22.47 4.57 21.44
CA GLY A 376 22.62 3.27 20.81
C GLY A 376 23.20 3.38 19.41
N ALA A 377 22.59 4.25 18.59
CA ALA A 377 23.10 4.48 17.24
C ALA A 377 24.57 4.92 17.24
N GLU A 378 24.93 5.84 18.13
CA GLU A 378 26.32 6.26 18.28
CA GLU A 378 26.33 6.26 18.25
C GLU A 378 27.23 5.09 18.61
N ALA A 379 26.73 4.17 19.45
CA ALA A 379 27.49 2.99 19.83
C ALA A 379 27.43 1.85 18.79
N GLY A 380 26.69 2.06 17.70
CA GLY A 380 26.62 1.08 16.63
C GLY A 380 25.54 0.01 16.76
N VAL A 381 24.47 0.32 17.48
CA VAL A 381 23.34 -0.61 17.59
C VAL A 381 22.03 0.13 17.32
N MET A 382 21.20 -0.47 16.47
CA MET A 382 19.93 0.10 16.07
C MET A 382 18.82 -0.50 16.91
N VAL A 383 18.17 0.33 17.70
CA VAL A 383 17.05 -0.10 18.54
C VAL A 383 15.79 0.74 18.24
N LEU A 384 14.70 0.46 18.94
CA LEU A 384 13.44 1.19 18.75
C LEU A 384 12.98 1.80 20.07
N ASN A 385 11.97 2.65 19.96
CA ASN A 385 11.19 3.06 21.12
C ASN A 385 9.77 2.49 20.96
N ALA A 386 8.97 2.59 22.02
CA ALA A 386 7.54 2.25 21.95
C ALA A 386 6.86 3.28 22.83
N GLY A 387 6.85 4.51 22.35
CA GLY A 387 6.60 5.65 23.24
C GLY A 387 7.87 6.10 23.93
N ALA A 388 7.80 7.26 24.58
CA ALA A 388 8.95 7.93 25.17
C ALA A 388 9.50 7.26 26.44
N ASP A 389 8.79 6.26 26.95
CA ASP A 389 9.18 5.56 28.19
C ASP A 389 9.70 4.14 27.97
N VAL A 390 9.72 3.66 26.73
CA VAL A 390 9.94 2.23 26.49
C VAL A 390 10.95 2.00 25.36
N MET A 391 11.97 1.22 25.65
CA MET A 391 12.88 0.70 24.63
C MET A 391 12.25 -0.53 24.00
N ARG A 392 12.38 -0.66 22.68
CA ARG A 392 11.81 -1.80 21.96
C ARG A 392 12.86 -2.44 21.06
N PHE A 393 12.77 -3.77 20.96
CA PHE A 393 13.68 -4.56 20.15
C PHE A 393 12.83 -5.46 19.29
N ALA A 394 13.11 -5.48 18.00
CA ALA A 394 12.41 -6.36 17.06
C ALA A 394 13.39 -6.86 16.00
N PRO A 395 14.40 -7.63 16.43
CA PRO A 395 15.43 -8.13 15.52
C PRO A 395 14.92 -9.22 14.60
N SER A 396 15.69 -9.49 13.55
CA SER A 396 15.52 -10.70 12.76
C SER A 396 15.24 -11.91 13.65
N LEU A 397 14.28 -12.72 13.22
CA LEU A 397 13.91 -13.93 13.95
C LEU A 397 15.01 -14.98 13.92
N VAL A 398 15.97 -14.80 13.01
CA VAL A 398 17.11 -15.69 12.91
C VAL A 398 18.41 -15.00 13.28
N VAL A 399 18.31 -13.87 14.00
CA VAL A 399 19.51 -13.16 14.45
C VAL A 399 20.52 -14.12 15.09
N GLU A 400 21.77 -14.05 14.64
CA GLU A 400 22.82 -14.92 15.17
C GLU A 400 23.10 -14.56 16.62
N GLU A 401 23.38 -15.58 17.42
CA GLU A 401 23.77 -15.38 18.82
CA GLU A 401 23.74 -15.36 18.82
C GLU A 401 24.91 -14.38 18.96
N ALA A 402 25.91 -14.50 18.09
CA ALA A 402 27.05 -13.60 18.11
C ALA A 402 26.60 -12.15 17.95
N ASP A 403 25.59 -11.92 17.12
CA ASP A 403 25.05 -10.57 16.92
C ASP A 403 24.23 -10.09 18.11
N ILE A 404 23.51 -10.99 18.76
CA ILE A 404 22.80 -10.64 19.98
C ILE A 404 23.82 -10.15 21.01
N HIS A 405 24.88 -10.91 21.22
CA HIS A 405 25.89 -10.52 22.21
C HIS A 405 26.60 -9.25 21.87
N GLU A 406 27.00 -9.10 20.61
CA GLU A 406 27.69 -7.87 20.19
C GLU A 406 26.79 -6.66 20.29
N GLY A 407 25.59 -6.74 19.76
CA GLY A 407 24.68 -5.61 19.82
C GLY A 407 24.31 -5.21 21.23
N MET A 408 24.15 -6.21 22.11
CA MET A 408 23.79 -5.91 23.48
C MET A 408 24.98 -5.33 24.27
N GLN A 409 26.21 -5.71 23.94
CA GLN A 409 27.37 -5.07 24.55
CA GLN A 409 27.35 -5.06 24.59
C GLN A 409 27.43 -3.60 24.11
N ARG A 410 27.19 -3.36 22.83
CA ARG A 410 27.13 -1.98 22.33
C ARG A 410 26.01 -1.19 23.02
N PHE A 411 24.84 -1.83 23.20
CA PHE A 411 23.75 -1.15 23.90
C PHE A 411 24.12 -0.85 25.36
N ALA A 412 24.84 -1.77 26.01
CA ALA A 412 25.31 -1.54 27.39
C ALA A 412 26.24 -0.32 27.43
N GLN A 413 27.13 -0.22 26.44
CA GLN A 413 28.03 0.93 26.33
C GLN A 413 27.23 2.23 26.17
N ALA A 414 26.19 2.18 25.35
CA ALA A 414 25.32 3.34 25.14
C ALA A 414 24.63 3.73 26.45
N VAL A 415 24.04 2.75 27.14
CA VAL A 415 23.39 3.02 28.41
C VAL A 415 24.40 3.66 29.38
N GLY A 416 25.61 3.11 29.43
CA GLY A 416 26.68 3.60 30.31
C GLY A 416 27.02 5.06 30.06
N LYS A 417 27.08 5.45 28.79
CA LYS A 417 27.39 6.82 28.43
C LYS A 417 26.29 7.79 28.85
N VAL A 418 25.03 7.37 28.69
CA VAL A 418 23.89 8.18 29.09
C VAL A 418 23.82 8.34 30.61
N VAL A 419 24.01 7.25 31.36
CA VAL A 419 23.93 7.30 32.83
C VAL A 419 25.15 8.01 33.45
N ALA A 420 26.28 7.97 32.77
CA ALA A 420 27.49 8.68 33.23
C ALA A 420 27.25 10.18 33.31
N LEU A 421 26.37 10.70 32.46
CA LEU A 421 26.03 12.14 32.45
C LEU A 421 25.02 12.51 33.52
N LEU B 33 -20.89 -5.02 -12.76
CA LEU B 33 -20.16 -6.32 -12.68
C LEU B 33 -18.67 -6.08 -12.89
N PRO B 34 -17.83 -6.63 -11.98
CA PRO B 34 -16.38 -6.51 -12.15
C PRO B 34 -15.91 -7.40 -13.29
N VAL B 35 -14.67 -7.20 -13.70
CA VAL B 35 -14.03 -8.08 -14.67
C VAL B 35 -13.14 -9.01 -13.83
N LYS B 36 -13.35 -10.32 -13.97
CA LYS B 36 -12.53 -11.30 -13.26
C LYS B 36 -12.17 -12.44 -14.20
N ALA B 37 -10.89 -12.81 -14.24
CA ALA B 37 -10.47 -13.94 -15.06
C ALA B 37 -10.97 -15.27 -14.47
N PRO B 38 -11.39 -16.19 -15.35
CA PRO B 38 -11.75 -17.55 -14.91
C PRO B 38 -10.50 -18.34 -14.52
N ALA B 39 -10.71 -19.53 -13.96
CA ALA B 39 -9.59 -20.38 -13.50
C ALA B 39 -8.64 -20.83 -14.60
N ASP B 40 -9.08 -20.83 -15.85
CA ASP B 40 -8.22 -21.24 -16.96
C ASP B 40 -7.44 -20.07 -17.59
N PHE B 41 -7.43 -18.92 -16.92
CA PHE B 41 -6.64 -17.80 -17.39
C PHE B 41 -5.82 -17.23 -16.24
N ILE B 42 -4.66 -17.85 -16.01
CA ILE B 42 -3.73 -17.43 -14.95
C ILE B 42 -2.41 -17.06 -15.62
N PRO B 43 -2.08 -15.77 -15.65
CA PRO B 43 -0.81 -15.37 -16.25
C PRO B 43 0.35 -15.95 -15.46
N VAL B 44 1.33 -16.50 -16.17
CA VAL B 44 2.51 -17.08 -15.51
C VAL B 44 3.82 -16.43 -15.92
N LYS B 45 3.86 -15.82 -17.11
CA LYS B 45 5.12 -15.25 -17.59
C LYS B 45 4.80 -14.05 -18.45
N GLY B 46 5.64 -13.02 -18.34
CA GLY B 46 5.52 -11.87 -19.20
C GLY B 46 6.87 -11.49 -19.73
N LYS B 47 6.91 -11.09 -21.00
CA LYS B 47 8.11 -10.48 -21.56
C LYS B 47 7.71 -9.39 -22.54
N GLY B 48 8.13 -8.15 -22.26
CA GLY B 48 7.72 -7.05 -23.12
C GLY B 48 6.21 -6.87 -23.05
N SER B 49 5.57 -6.84 -24.20
CA SER B 49 4.12 -6.73 -24.25
C SER B 49 3.45 -8.06 -24.56
N ARG B 50 4.11 -9.16 -24.24
CA ARG B 50 3.48 -10.48 -24.36
C ARG B 50 3.39 -11.17 -23.01
N VAL B 51 2.27 -11.86 -22.80
CA VAL B 51 1.99 -12.61 -21.56
C VAL B 51 1.57 -14.04 -21.93
N TRP B 52 2.02 -15.01 -21.15
CA TRP B 52 1.58 -16.39 -21.32
C TRP B 52 0.87 -16.90 -20.11
N ASP B 53 -0.17 -17.70 -20.33
CA ASP B 53 -0.93 -18.31 -19.23
C ASP B 53 -0.42 -19.73 -18.91
N GLN B 54 -1.06 -20.40 -17.96
CA GLN B 54 -0.65 -21.75 -17.55
C GLN B 54 -0.71 -22.79 -18.67
N GLN B 55 -1.55 -22.55 -19.67
CA GLN B 55 -1.68 -23.46 -20.79
C GLN B 55 -0.72 -23.14 -21.93
N GLY B 56 0.04 -22.06 -21.77
CA GLY B 56 1.01 -21.61 -22.75
C GLY B 56 0.40 -20.75 -23.84
N LYS B 57 -0.86 -20.35 -23.66
CA LYS B 57 -1.48 -19.42 -24.60
C LYS B 57 -0.81 -18.05 -24.49
N GLU B 58 -0.51 -17.46 -25.65
CA GLU B 58 0.16 -16.17 -25.73
C GLU B 58 -0.81 -15.04 -25.96
N TYR B 59 -0.65 -13.96 -25.19
CA TYR B 59 -1.50 -12.79 -25.33
C TYR B 59 -0.64 -11.56 -25.58
N ILE B 60 -1.14 -10.66 -26.41
CA ILE B 60 -0.55 -9.33 -26.52
C ILE B 60 -1.24 -8.47 -25.46
N ASP B 61 -0.41 -7.76 -24.68
CA ASP B 61 -0.88 -7.00 -23.53
C ASP B 61 -1.10 -5.53 -23.87
N PHE B 62 -2.35 -5.15 -24.07
CA PHE B 62 -2.69 -3.74 -24.24
C PHE B 62 -3.31 -3.16 -23.00
N ALA B 63 -3.21 -3.88 -21.88
CA ALA B 63 -3.83 -3.46 -20.62
C ALA B 63 -2.81 -3.01 -19.57
N GLY B 64 -1.61 -3.57 -19.61
CA GLY B 64 -0.56 -3.20 -18.67
C GLY B 64 -0.91 -3.40 -17.21
N GLY B 65 -1.78 -4.36 -16.91
CA GLY B 65 -2.21 -4.59 -15.53
C GLY B 65 -2.95 -3.40 -14.99
N ILE B 66 -3.67 -2.71 -15.88
CA ILE B 66 -4.38 -1.45 -15.62
C ILE B 66 -3.39 -0.29 -15.50
N ALA B 67 -2.64 -0.09 -16.57
CA ALA B 67 -1.76 1.06 -16.74
C ALA B 67 -0.57 1.08 -15.78
N VAL B 68 -0.16 -0.11 -15.35
CA VAL B 68 0.94 -0.26 -14.41
C VAL B 68 2.28 -0.57 -15.08
N THR B 69 2.30 -1.60 -15.94
CA THR B 69 3.55 -2.02 -16.55
C THR B 69 3.85 -1.16 -17.77
N ALA B 70 4.20 0.09 -17.46
CA ALA B 70 4.46 1.12 -18.47
C ALA B 70 5.71 0.85 -19.30
N LEU B 71 6.55 -0.08 -18.87
CA LEU B 71 7.70 -0.48 -19.70
C LEU B 71 7.63 -1.95 -20.04
N GLY B 72 6.44 -2.53 -19.92
CA GLY B 72 6.22 -3.93 -20.25
C GLY B 72 6.72 -4.86 -19.15
N HIS B 73 6.71 -6.15 -19.46
CA HIS B 73 7.05 -7.18 -18.47
C HIS B 73 8.51 -7.53 -18.51
N CYS B 74 9.12 -7.61 -17.31
CA CYS B 74 10.52 -8.01 -17.17
C CYS B 74 11.45 -7.21 -18.09
N HIS B 75 11.28 -5.90 -18.08
CA HIS B 75 12.15 -5.03 -18.85
C HIS B 75 13.57 -5.18 -18.31
N PRO B 76 14.56 -5.39 -19.19
CA PRO B 76 15.92 -5.69 -18.66
C PRO B 76 16.51 -4.64 -17.74
N ALA B 77 16.22 -3.36 -17.96
CA ALA B 77 16.78 -2.33 -17.08
C ALA B 77 16.15 -2.39 -15.70
N LEU B 78 14.86 -2.70 -15.66
CA LEU B 78 14.14 -2.78 -14.39
C LEU B 78 14.53 -4.06 -13.64
N VAL B 79 14.68 -5.16 -14.37
CA VAL B 79 15.19 -6.39 -13.78
C VAL B 79 16.58 -6.19 -13.20
N GLU B 80 17.44 -5.51 -13.94
CA GLU B 80 18.78 -5.23 -13.43
C GLU B 80 18.76 -4.39 -12.16
N ALA B 81 17.94 -3.34 -12.13
CA ALA B 81 17.84 -2.50 -10.94
C ALA B 81 17.32 -3.30 -9.75
N LEU B 82 16.31 -4.14 -10.00
CA LEU B 82 15.75 -5.00 -8.97
C LEU B 82 16.81 -5.91 -8.39
N LYS B 83 17.55 -6.57 -9.28
CA LYS B 83 18.55 -7.55 -8.84
C LYS B 83 19.72 -6.89 -8.11
N SER B 84 20.24 -5.78 -8.61
CA SER B 84 21.40 -5.17 -7.95
C SER B 84 21.03 -4.59 -6.57
N GLN B 85 19.94 -3.84 -6.49
CA GLN B 85 19.50 -3.34 -5.19
C GLN B 85 19.09 -4.50 -4.28
N GLY B 86 18.55 -5.57 -4.88
CA GLY B 86 18.14 -6.75 -4.11
C GLY B 86 19.28 -7.47 -3.44
N GLU B 87 20.49 -7.26 -3.92
CA GLU B 87 21.69 -7.82 -3.29
C GLU B 87 22.24 -6.91 -2.21
N THR B 88 21.70 -5.70 -2.07
CA THR B 88 22.32 -4.63 -1.31
C THR B 88 21.53 -4.22 -0.07
N LEU B 89 20.27 -3.80 -0.26
CA LEU B 89 19.43 -3.33 0.84
C LEU B 89 18.01 -3.24 0.30
N TRP B 90 17.08 -3.89 0.97
CA TRP B 90 15.67 -3.82 0.54
C TRP B 90 14.88 -2.80 1.28
N HIS B 91 15.13 -2.69 2.58
CA HIS B 91 14.18 -2.01 3.43
C HIS B 91 14.85 -1.10 4.41
N THR B 92 14.26 0.09 4.54
CA THR B 92 14.49 0.96 5.68
C THR B 92 13.12 1.40 6.16
N SER B 93 13.03 1.68 7.45
CA SER B 93 11.84 2.35 7.98
C SER B 93 11.91 3.82 7.61
N ASN B 94 10.79 4.52 7.80
CA ASN B 94 10.71 5.93 7.49
C ASN B 94 11.53 6.84 8.43
N VAL B 95 12.10 6.25 9.48
CA VAL B 95 13.06 6.95 10.36
C VAL B 95 14.32 7.30 9.58
N PHE B 96 14.64 6.47 8.59
CA PHE B 96 15.82 6.62 7.76
C PHE B 96 15.45 7.04 6.36
N THR B 97 16.41 7.66 5.69
CA THR B 97 16.34 7.70 4.24
C THR B 97 17.28 6.63 3.67
N ASN B 98 17.31 6.53 2.36
CA ASN B 98 18.17 5.58 1.69
C ASN B 98 18.56 6.20 0.35
N GLU B 99 19.63 5.70 -0.25
CA GLU B 99 20.14 6.31 -1.48
C GLU B 99 19.16 6.22 -2.65
N PRO B 100 18.52 5.06 -2.87
CA PRO B 100 17.53 5.03 -3.96
C PRO B 100 16.40 6.05 -3.78
N ALA B 101 15.90 6.23 -2.57
CA ALA B 101 14.83 7.22 -2.31
C ALA B 101 15.32 8.64 -2.57
N LEU B 102 16.53 8.96 -2.09
CA LEU B 102 17.10 10.28 -2.33
C LEU B 102 17.25 10.55 -3.83
N ARG B 103 17.77 9.56 -4.56
CA ARG B 103 17.99 9.75 -6.00
C ARG B 103 16.65 9.97 -6.71
N LEU B 104 15.63 9.19 -6.34
CA LEU B 104 14.33 9.28 -7.00
C LEU B 104 13.63 10.60 -6.64
N GLY B 105 13.71 10.99 -5.38
CA GLY B 105 13.17 12.29 -4.96
C GLY B 105 13.79 13.43 -5.74
N ARG B 106 15.11 13.41 -5.89
CA ARG B 106 15.83 14.42 -6.66
C ARG B 106 15.36 14.46 -8.11
N LYS B 107 15.21 13.30 -8.72
CA LYS B 107 14.76 13.23 -10.10
C LYS B 107 13.37 13.87 -10.26
N LEU B 108 12.46 13.55 -9.33
CA LEU B 108 11.10 14.07 -9.40
C LEU B 108 11.06 15.55 -9.11
N ILE B 109 11.82 16.00 -8.12
CA ILE B 109 11.91 17.42 -7.80
C ILE B 109 12.45 18.22 -8.98
N ASP B 110 13.52 17.75 -9.60
CA ASP B 110 14.11 18.49 -10.71
C ASP B 110 13.19 18.53 -11.92
N ALA B 111 12.39 17.49 -12.12
CA ALA B 111 11.56 17.37 -13.32
C ALA B 111 10.17 18.00 -13.22
N THR B 112 9.78 18.42 -12.03
CA THR B 112 8.39 18.86 -11.80
C THR B 112 8.33 20.10 -10.94
N PHE B 113 7.11 20.58 -10.69
CA PHE B 113 6.90 21.71 -9.79
C PHE B 113 7.28 21.37 -8.35
N ALA B 114 7.40 20.09 -8.03
CA ALA B 114 7.59 19.66 -6.65
C ALA B 114 8.87 20.18 -6.00
N GLU B 115 8.79 20.42 -4.70
CA GLU B 115 9.97 20.75 -3.89
C GLU B 115 10.17 19.70 -2.82
N ARG B 116 9.13 18.91 -2.58
CA ARG B 116 9.11 17.89 -1.55
C ARG B 116 8.39 16.68 -2.07
N VAL B 117 8.87 15.49 -1.68
CA VAL B 117 8.28 14.22 -2.11
C VAL B 117 8.10 13.30 -0.91
N LEU B 118 6.96 12.64 -0.82
CA LEU B 118 6.72 11.58 0.16
C LEU B 118 6.45 10.31 -0.61
N PHE B 119 7.18 9.25 -0.29
CA PHE B 119 6.98 7.97 -0.97
C PHE B 119 6.17 7.00 -0.11
N MET B 120 5.28 6.27 -0.78
CA MET B 120 4.44 5.25 -0.14
CA MET B 120 4.42 5.25 -0.15
C MET B 120 4.45 4.00 -1.05
N ASN B 121 3.52 3.08 -0.88
CA ASN B 121 3.46 1.89 -1.76
C ASN B 121 2.46 2.02 -2.92
N SER B 122 1.28 2.49 -2.61
CA SER B 122 0.20 2.47 -3.58
C SER B 122 -0.36 3.85 -3.85
N GLY B 123 -1.08 3.95 -4.96
CA GLY B 123 -1.83 5.16 -5.28
C GLY B 123 -2.82 5.52 -4.19
N THR B 124 -3.47 4.51 -3.60
CA THR B 124 -4.41 4.74 -2.50
C THR B 124 -3.72 5.42 -1.33
N GLU B 125 -2.55 4.93 -0.93
CA GLU B 125 -1.79 5.54 0.15
C GLU B 125 -1.32 6.96 -0.19
N ALA B 126 -0.90 7.17 -1.43
CA ALA B 126 -0.45 8.49 -1.86
C ALA B 126 -1.63 9.46 -1.81
N ASN B 127 -2.80 9.00 -2.25
CA ASN B 127 -3.97 9.85 -2.21
C ASN B 127 -4.43 10.13 -0.77
N GLU B 128 -4.36 9.12 0.09
CA GLU B 128 -4.63 9.34 1.53
C GLU B 128 -3.75 10.47 2.06
N THR B 129 -2.46 10.39 1.75
CA THR B 129 -1.50 11.39 2.20
C THR B 129 -1.83 12.77 1.63
N ALA B 130 -2.13 12.82 0.34
CA ALA B 130 -2.49 14.09 -0.31
C ALA B 130 -3.72 14.73 0.31
N PHE B 131 -4.75 13.93 0.56
CA PHE B 131 -6.01 14.45 1.08
C PHE B 131 -5.86 14.86 2.55
N LYS B 132 -5.17 14.03 3.33
CA LYS B 132 -4.85 14.40 4.71
C LYS B 132 -4.02 15.69 4.74
N LEU B 133 -3.04 15.82 3.85
CA LEU B 133 -2.19 17.01 3.83
C LEU B 133 -3.00 18.26 3.49
N ALA B 134 -3.89 18.15 2.49
CA ALA B 134 -4.70 19.31 2.16
C ALA B 134 -5.59 19.71 3.33
N ARG B 135 -6.15 18.70 4.02
CA ARG B 135 -6.98 18.97 5.21
C ARG B 135 -6.16 19.62 6.32
N HIS B 136 -4.97 19.07 6.55
CA HIS B 136 -4.15 19.55 7.65
C HIS B 136 -3.59 20.93 7.40
N TYR B 137 -3.18 21.18 6.16
CA TYR B 137 -2.71 22.49 5.76
C TYR B 137 -3.80 23.54 6.04
N ALA B 138 -5.03 23.26 5.61
CA ALA B 138 -6.14 24.17 5.87
C ALA B 138 -6.36 24.38 7.35
N CYS B 139 -6.32 23.30 8.12
CA CYS B 139 -6.54 23.36 9.56
C CYS B 139 -5.54 24.28 10.24
N VAL B 140 -4.26 24.14 9.90
CA VAL B 140 -3.25 24.87 10.66
C VAL B 140 -2.95 26.25 10.08
N ARG B 141 -3.14 26.43 8.77
CA ARG B 141 -2.84 27.73 8.17
C ARG B 141 -4.04 28.66 8.13
N HIS B 142 -5.25 28.11 8.17
CA HIS B 142 -6.48 28.91 8.01
C HIS B 142 -7.48 28.75 9.10
N SER B 143 -8.04 27.56 9.26
CA SER B 143 -9.12 27.33 10.23
C SER B 143 -9.39 25.84 10.33
N PRO B 144 -9.65 25.33 11.54
CA PRO B 144 -10.09 23.94 11.65
C PRO B 144 -11.44 23.68 10.96
N PHE B 145 -12.18 24.74 10.61
CA PHE B 145 -13.48 24.58 9.95
C PHE B 145 -13.38 24.53 8.43
N LYS B 146 -12.19 24.78 7.89
CA LYS B 146 -11.99 24.81 6.45
C LYS B 146 -11.72 23.37 5.97
N THR B 147 -12.81 22.64 5.78
CA THR B 147 -12.74 21.19 5.56
C THR B 147 -13.38 20.67 4.27
N LYS B 148 -14.11 21.48 3.51
CA LYS B 148 -14.80 20.90 2.34
C LYS B 148 -13.81 20.45 1.27
N ILE B 149 -14.02 19.23 0.77
CA ILE B 149 -13.28 18.71 -0.37
C ILE B 149 -14.26 18.60 -1.52
N ILE B 150 -13.91 19.20 -2.68
CA ILE B 150 -14.72 19.04 -3.89
C ILE B 150 -14.08 17.98 -4.78
N ALA B 151 -14.90 17.04 -5.23
CA ALA B 151 -14.44 15.98 -6.11
C ALA B 151 -15.51 15.74 -7.17
N PHE B 152 -15.28 14.77 -8.05
CA PHE B 152 -16.09 14.66 -9.27
C PHE B 152 -16.79 13.34 -9.42
N HIS B 153 -18.04 13.41 -9.89
CA HIS B 153 -18.72 12.17 -10.26
C HIS B 153 -17.86 11.33 -11.17
N ASN B 154 -17.89 10.02 -10.93
CA ASN B 154 -17.11 9.02 -11.69
C ASN B 154 -15.61 9.00 -11.40
N ALA B 155 -15.16 9.83 -10.48
CA ALA B 155 -13.76 9.81 -10.06
C ALA B 155 -13.41 8.47 -9.41
N PHE B 156 -12.17 8.06 -9.59
CA PHE B 156 -11.63 6.95 -8.84
C PHE B 156 -10.32 7.36 -8.20
N HIS B 157 -10.23 7.21 -6.89
CA HIS B 157 -9.05 7.59 -6.13
C HIS B 157 -8.51 6.52 -5.23
N GLY B 158 -9.09 5.33 -5.30
CA GLY B 158 -8.66 4.23 -4.42
C GLY B 158 -9.80 3.61 -3.65
N ARG B 159 -9.49 2.57 -2.88
CA ARG B 159 -10.53 1.81 -2.20
C ARG B 159 -10.43 1.85 -0.68
N SER B 160 -9.57 2.70 -0.13
CA SER B 160 -9.64 2.92 1.34
C SER B 160 -10.93 3.68 1.64
N LEU B 161 -11.35 3.72 2.90
CA LEU B 161 -12.63 4.39 3.16
C LEU B 161 -12.61 5.88 2.75
N PHE B 162 -11.55 6.59 3.10
CA PHE B 162 -11.45 7.99 2.73
C PHE B 162 -11.34 8.17 1.22
N THR B 163 -10.46 7.41 0.56
CA THR B 163 -10.26 7.62 -0.88
C THR B 163 -11.50 7.24 -1.69
N VAL B 164 -12.20 6.18 -1.30
CA VAL B 164 -13.42 5.79 -2.01
C VAL B 164 -14.56 6.76 -1.76
N SER B 165 -14.52 7.45 -0.64
CA SER B 165 -15.51 8.49 -0.35
C SER B 165 -15.22 9.76 -1.14
N VAL B 166 -13.94 10.06 -1.41
CA VAL B 166 -13.60 11.15 -2.33
C VAL B 166 -13.89 10.71 -3.77
N GLY B 167 -13.68 9.43 -4.06
CA GLY B 167 -14.14 8.84 -5.32
C GLY B 167 -15.62 9.13 -5.60
N GLY B 168 -15.99 9.10 -6.87
CA GLY B 168 -17.32 9.60 -7.26
C GLY B 168 -18.27 8.54 -7.75
N GLN B 169 -18.14 7.34 -7.20
CA GLN B 169 -19.08 6.25 -7.48
C GLN B 169 -19.73 5.80 -6.17
N PRO B 170 -20.94 6.31 -5.87
CA PRO B 170 -21.59 5.95 -4.61
C PRO B 170 -21.73 4.44 -4.38
N LYS B 171 -21.94 3.66 -5.44
CA LYS B 171 -22.02 2.20 -5.30
C LYS B 171 -20.81 1.62 -4.56
N TYR B 172 -19.62 2.20 -4.76
CA TYR B 172 -18.40 1.67 -4.17
C TYR B 172 -18.11 2.22 -2.77
N SER B 173 -18.75 3.31 -2.38
CA SER B 173 -18.55 3.86 -1.04
C SER B 173 -19.70 3.57 -0.07
N ASP B 174 -20.83 3.10 -0.59
CA ASP B 174 -21.95 2.66 0.22
C ASP B 174 -21.60 1.39 0.99
N GLY B 175 -22.17 1.23 2.18
CA GLY B 175 -22.15 -0.06 2.86
C GLY B 175 -20.97 -0.36 3.76
N PHE B 176 -20.22 0.67 4.15
CA PHE B 176 -19.07 0.53 5.07
C PHE B 176 -19.22 1.32 6.34
N GLY B 177 -20.45 1.72 6.64
CA GLY B 177 -20.68 2.57 7.80
C GLY B 177 -20.33 4.02 7.52
N PRO B 178 -20.26 4.85 8.56
CA PRO B 178 -20.19 6.29 8.35
C PRO B 178 -18.95 6.73 7.57
N LYS B 179 -19.19 7.41 6.47
CA LYS B 179 -18.11 7.88 5.60
C LYS B 179 -17.51 9.14 6.19
N PRO B 180 -16.21 9.37 5.95
CA PRO B 180 -15.63 10.66 6.32
C PRO B 180 -16.41 11.77 5.60
N ALA B 181 -16.82 12.78 6.37
CA ALA B 181 -17.75 13.82 5.90
C ALA B 181 -17.04 14.97 5.18
N ASP B 182 -17.84 15.93 4.73
CA ASP B 182 -17.39 17.17 4.07
C ASP B 182 -16.72 16.92 2.73
N ILE B 183 -17.27 15.97 1.98
CA ILE B 183 -16.87 15.73 0.60
C ILE B 183 -18.07 15.99 -0.30
N ILE B 184 -17.90 16.84 -1.31
CA ILE B 184 -18.99 17.23 -2.21
C ILE B 184 -18.63 16.82 -3.62
N HIS B 185 -19.56 16.16 -4.30
CA HIS B 185 -19.36 15.74 -5.69
C HIS B 185 -20.17 16.52 -6.66
N VAL B 186 -19.52 16.93 -7.74
CA VAL B 186 -20.17 17.61 -8.87
C VAL B 186 -19.70 16.96 -10.16
N PRO B 187 -20.34 17.25 -11.31
CA PRO B 187 -19.93 16.60 -12.56
C PRO B 187 -18.54 17.01 -13.03
N PHE B 188 -17.78 16.03 -13.52
CA PHE B 188 -16.50 16.32 -14.14
C PHE B 188 -16.73 17.28 -15.31
N ASN B 189 -15.80 18.23 -15.47
CA ASN B 189 -15.86 19.21 -16.55
C ASN B 189 -16.93 20.27 -16.38
N ASP B 190 -17.62 20.29 -15.24
CA ASP B 190 -18.64 21.33 -14.98
C ASP B 190 -18.07 22.40 -14.06
N LEU B 191 -17.45 23.42 -14.65
CA LEU B 191 -16.81 24.50 -13.88
C LEU B 191 -17.83 25.32 -13.09
N HIS B 192 -19.00 25.58 -13.67
CA HIS B 192 -20.06 26.29 -12.96
C HIS B 192 -20.42 25.60 -11.67
N ALA B 193 -20.56 24.29 -11.72
CA ALA B 193 -20.91 23.54 -10.52
C ALA B 193 -19.85 23.67 -9.42
N VAL B 194 -18.57 23.66 -9.81
CA VAL B 194 -17.50 23.84 -8.85
C VAL B 194 -17.58 25.23 -8.22
N LYS B 195 -17.75 26.25 -9.05
CA LYS B 195 -17.86 27.61 -8.57
C LYS B 195 -19.00 27.73 -7.57
N ALA B 196 -20.10 27.04 -7.86
CA ALA B 196 -21.31 27.08 -7.03
C ALA B 196 -21.11 26.51 -5.62
N VAL B 197 -20.32 25.45 -5.49
CA VAL B 197 -20.15 24.79 -4.20
C VAL B 197 -18.95 25.28 -3.42
N MET B 198 -18.00 25.93 -4.07
CA MET B 198 -16.79 26.33 -3.38
C MET B 198 -16.99 27.59 -2.55
N ASP B 199 -16.26 27.67 -1.45
CA ASP B 199 -16.33 28.81 -0.55
C ASP B 199 -15.10 28.86 0.32
N ASP B 200 -15.09 29.78 1.28
CA ASP B 200 -13.95 29.93 2.16
C ASP B 200 -13.75 28.76 3.11
N HIS B 201 -14.76 27.89 3.21
CA HIS B 201 -14.66 26.68 4.01
C HIS B 201 -14.19 25.49 3.21
N THR B 202 -13.72 25.73 1.98
CA THR B 202 -13.22 24.66 1.12
C THR B 202 -11.71 24.53 1.24
N CYS B 203 -11.23 23.31 1.50
CA CYS B 203 -9.79 23.06 1.63
C CYS B 203 -9.13 22.53 0.38
N ALA B 204 -9.87 21.92 -0.52
CA ALA B 204 -9.25 21.23 -1.66
C ALA B 204 -10.25 20.96 -2.75
N VAL B 205 -9.73 20.95 -3.98
CA VAL B 205 -10.41 20.36 -5.12
C VAL B 205 -9.52 19.22 -5.55
N VAL B 206 -10.10 18.03 -5.66
CA VAL B 206 -9.40 16.81 -6.07
C VAL B 206 -9.87 16.38 -7.43
N VAL B 207 -8.95 16.22 -8.37
CA VAL B 207 -9.33 15.90 -9.74
C VAL B 207 -8.29 15.01 -10.41
N GLU B 208 -8.77 14.07 -11.22
CA GLU B 208 -7.93 13.36 -12.18
C GLU B 208 -7.93 14.19 -13.47
N PRO B 209 -6.75 14.66 -13.94
CA PRO B 209 -6.77 15.43 -15.19
C PRO B 209 -7.45 14.68 -16.35
N ILE B 210 -7.28 13.37 -16.40
CA ILE B 210 -8.11 12.50 -17.25
C ILE B 210 -8.70 11.43 -16.33
N GLN B 211 -10.02 11.31 -16.33
CA GLN B 211 -10.67 10.28 -15.53
C GLN B 211 -10.52 8.96 -16.28
N GLY B 212 -9.68 8.07 -15.77
CA GLY B 212 -9.39 6.81 -16.47
C GLY B 212 -10.52 5.82 -16.35
N GLU B 213 -10.86 5.45 -15.12
CA GLU B 213 -11.98 4.55 -14.87
C GLU B 213 -13.30 5.15 -15.38
N GLY B 214 -13.47 6.46 -15.19
CA GLY B 214 -14.69 7.18 -15.61
C GLY B 214 -14.75 7.47 -17.10
N GLY B 215 -14.55 6.45 -17.91
CA GLY B 215 -14.80 6.56 -19.34
C GLY B 215 -13.71 7.22 -20.15
N VAL B 216 -12.51 7.35 -19.57
CA VAL B 216 -11.37 8.00 -20.25
C VAL B 216 -11.79 9.41 -20.71
N GLN B 217 -12.20 10.22 -19.75
CA GLN B 217 -12.66 11.58 -20.05
C GLN B 217 -11.62 12.60 -19.63
N ALA B 218 -11.15 13.39 -20.58
CA ALA B 218 -10.14 14.41 -20.30
C ALA B 218 -10.77 15.70 -19.86
N ALA B 219 -10.14 16.36 -18.91
CA ALA B 219 -10.54 17.73 -18.54
C ALA B 219 -10.41 18.65 -19.74
N THR B 220 -11.37 19.55 -19.91
CA THR B 220 -11.14 20.59 -20.90
C THR B 220 -10.16 21.64 -20.34
N PRO B 221 -9.47 22.36 -21.24
CA PRO B 221 -8.54 23.39 -20.78
C PRO B 221 -9.19 24.43 -19.86
N GLU B 222 -10.38 24.90 -20.24
N GLU B 222 -10.37 24.93 -20.19
CA GLU B 222 -11.14 25.88 -19.47
CA GLU B 222 -10.99 25.95 -19.34
C GLU B 222 -11.45 25.37 -18.06
C GLU B 222 -11.47 25.38 -18.00
N PHE B 223 -11.86 24.11 -17.99
CA PHE B 223 -12.23 23.48 -16.71
C PHE B 223 -11.02 23.41 -15.79
N LEU B 224 -9.90 22.88 -16.29
CA LEU B 224 -8.75 22.69 -15.44
C LEU B 224 -8.14 24.01 -15.00
N LYS B 225 -8.03 24.96 -15.92
CA LYS B 225 -7.55 26.28 -15.55
C LYS B 225 -8.51 26.94 -14.54
N GLY B 226 -9.80 26.73 -14.74
CA GLY B 226 -10.82 27.26 -13.84
C GLY B 226 -10.68 26.73 -12.42
N LEU B 227 -10.32 25.45 -12.28
CA LEU B 227 -10.09 24.88 -10.96
C LEU B 227 -8.92 25.57 -10.29
N ARG B 228 -7.86 25.82 -11.04
CA ARG B 228 -6.71 26.53 -10.50
C ARG B 228 -7.10 27.92 -10.02
N ASP B 229 -7.89 28.62 -10.82
CA ASP B 229 -8.28 29.97 -10.46
C ASP B 229 -9.19 29.99 -9.23
N LEU B 230 -10.11 29.03 -9.16
CA LEU B 230 -11.03 28.93 -8.02
C LEU B 230 -10.30 28.55 -6.74
N CYS B 231 -9.32 27.64 -6.84
CA CYS B 231 -8.52 27.31 -5.69
C CYS B 231 -7.73 28.52 -5.22
N ASP B 232 -7.17 29.29 -6.14
CA ASP B 232 -6.45 30.51 -5.77
C ASP B 232 -7.38 31.48 -5.04
N GLU B 233 -8.58 31.67 -5.57
CA GLU B 233 -9.56 32.61 -4.99
C GLU B 233 -9.96 32.21 -3.57
N HIS B 234 -10.17 30.93 -3.34
CA HIS B 234 -10.69 30.43 -2.05
C HIS B 234 -9.64 29.93 -1.12
N GLN B 235 -8.36 30.11 -1.47
CA GLN B 235 -7.24 29.58 -0.70
C GLN B 235 -7.38 28.10 -0.42
N ALA B 236 -7.79 27.37 -1.45
CA ALA B 236 -7.90 25.92 -1.38
C ALA B 236 -6.76 25.32 -2.19
N LEU B 237 -6.42 24.07 -1.90
CA LEU B 237 -5.35 23.39 -2.62
C LEU B 237 -5.91 22.54 -3.75
N LEU B 238 -5.29 22.69 -4.92
CA LEU B 238 -5.62 21.89 -6.08
C LEU B 238 -4.79 20.60 -6.10
N VAL B 239 -5.48 19.47 -6.01
CA VAL B 239 -4.84 18.18 -5.91
C VAL B 239 -5.09 17.42 -7.20
N PHE B 240 -4.02 17.07 -7.92
CA PHE B 240 -4.15 16.26 -9.13
C PHE B 240 -3.79 14.82 -8.81
N ASP B 241 -4.75 13.93 -9.01
CA ASP B 241 -4.49 12.50 -8.92
C ASP B 241 -4.00 12.06 -10.29
N GLU B 242 -2.69 11.86 -10.38
CA GLU B 242 -2.06 11.39 -11.62
C GLU B 242 -1.56 9.96 -11.48
N VAL B 243 -2.20 9.20 -10.60
CA VAL B 243 -1.84 7.79 -10.42
C VAL B 243 -1.93 7.03 -11.74
N GLN B 244 -2.99 7.30 -12.51
CA GLN B 244 -3.16 6.64 -13.82
C GLN B 244 -2.60 7.44 -14.98
N CYS B 245 -2.80 8.76 -14.98
CA CYS B 245 -2.40 9.53 -16.15
C CYS B 245 -0.97 10.06 -16.09
N GLY B 246 -0.27 9.82 -14.98
CA GLY B 246 1.09 10.33 -14.82
C GLY B 246 2.18 9.39 -15.30
N MET B 247 3.42 9.79 -15.05
CA MET B 247 4.60 9.03 -15.44
C MET B 247 4.61 8.60 -16.91
N GLY B 248 4.41 9.58 -17.78
CA GLY B 248 4.55 9.40 -19.22
C GLY B 248 3.31 8.97 -19.96
N ARG B 249 2.27 8.57 -19.24
CA ARG B 249 1.08 7.98 -19.87
C ARG B 249 0.51 8.85 -20.98
N THR B 250 0.46 10.16 -20.77
CA THR B 250 -0.12 11.08 -21.75
C THR B 250 0.84 11.54 -22.84
N GLY B 251 2.10 11.14 -22.75
CA GLY B 251 3.09 11.67 -23.69
C GLY B 251 3.82 12.89 -23.17
N ASP B 252 3.44 13.35 -21.97
CA ASP B 252 4.25 14.27 -21.18
C ASP B 252 4.56 13.51 -19.89
N LEU B 253 5.55 13.95 -19.12
CA LEU B 253 5.88 13.21 -17.90
C LEU B 253 4.65 13.16 -16.98
N PHE B 254 4.01 14.31 -16.80
CA PHE B 254 2.72 14.35 -16.10
C PHE B 254 1.73 15.11 -16.94
N ALA B 255 0.45 14.74 -16.82
CA ALA B 255 -0.60 15.41 -17.57
C ALA B 255 -0.67 16.89 -17.30
N TYR B 256 -0.35 17.32 -16.08
CA TYR B 256 -0.41 18.75 -15.79
C TYR B 256 0.48 19.57 -16.72
N MET B 257 1.55 18.94 -17.21
CA MET B 257 2.48 19.60 -18.12
C MET B 257 1.86 19.81 -19.50
N HIS B 258 1.04 18.86 -19.93
CA HIS B 258 0.29 19.04 -21.16
C HIS B 258 -0.64 20.22 -21.04
N TYR B 259 -1.33 20.33 -19.91
CA TYR B 259 -2.31 21.39 -19.74
C TYR B 259 -1.69 22.73 -19.39
N GLY B 260 -0.47 22.71 -18.84
CA GLY B 260 0.14 23.93 -18.34
C GLY B 260 -0.59 24.49 -17.13
N VAL B 261 -1.19 23.62 -16.30
CA VAL B 261 -1.85 24.07 -15.07
C VAL B 261 -1.13 23.35 -13.93
N THR B 262 -0.58 24.11 -12.99
CA THR B 262 0.25 23.54 -11.93
C THR B 262 -0.60 23.31 -10.69
N PRO B 263 -0.67 22.06 -10.22
CA PRO B 263 -1.42 21.81 -8.98
C PRO B 263 -0.57 22.15 -7.75
N ASP B 264 -1.22 22.15 -6.60
CA ASP B 264 -0.53 22.28 -5.33
C ASP B 264 0.06 20.96 -4.85
N ILE B 265 -0.67 19.87 -5.09
CA ILE B 265 -0.27 18.52 -4.71
C ILE B 265 -0.56 17.60 -5.88
N LEU B 266 0.33 16.64 -6.13
CA LEU B 266 0.14 15.68 -7.18
C LEU B 266 0.48 14.28 -6.66
N THR B 267 -0.31 13.29 -7.03
CA THR B 267 0.02 11.91 -6.66
C THR B 267 0.33 11.08 -7.91
N SER B 268 1.25 10.14 -7.71
CA SER B 268 1.74 9.28 -8.77
C SER B 268 1.93 7.88 -8.23
N ALA B 269 1.68 6.87 -9.06
CA ALA B 269 1.95 5.47 -8.68
C ALA B 269 1.92 4.68 -9.98
N LYS B 270 1.51 3.42 -9.91
CA LYS B 270 1.34 2.59 -11.14
C LYS B 270 2.61 2.57 -12.00
N ALA B 271 2.62 3.33 -13.09
CA ALA B 271 3.79 3.41 -13.98
C ALA B 271 5.08 3.80 -13.26
N LEU B 272 4.97 4.53 -12.15
CA LEU B 272 6.17 4.97 -11.43
C LEU B 272 7.12 3.81 -11.10
N GLY B 273 6.56 2.66 -10.71
CA GLY B 273 7.36 1.48 -10.38
C GLY B 273 7.38 0.39 -11.44
N GLY B 274 6.68 0.62 -12.56
CA GLY B 274 6.68 -0.31 -13.67
C GLY B 274 6.24 -1.72 -13.36
N GLY B 275 5.48 -1.89 -12.28
CA GLY B 275 5.09 -3.24 -11.82
C GLY B 275 5.49 -3.51 -10.38
N PHE B 276 6.47 -2.76 -9.86
CA PHE B 276 6.81 -2.82 -8.45
C PHE B 276 5.94 -1.79 -7.72
N PRO B 277 5.26 -2.20 -6.62
CA PRO B 277 4.40 -1.22 -5.96
CA PRO B 277 4.42 -1.26 -5.88
C PRO B 277 5.22 -0.09 -5.29
N VAL B 278 4.95 1.13 -5.75
CA VAL B 278 5.56 2.35 -5.20
C VAL B 278 4.68 3.53 -5.59
N SER B 279 4.62 4.54 -4.74
CA SER B 279 3.84 5.72 -5.05
C SER B 279 4.51 6.94 -4.48
N ALA B 280 4.06 8.10 -4.94
CA ALA B 280 4.64 9.37 -4.51
C ALA B 280 3.59 10.43 -4.40
N MET B 281 3.76 11.27 -3.39
CA MET B 281 2.99 12.49 -3.23
CA MET B 281 2.99 12.48 -3.27
C MET B 281 3.96 13.65 -3.38
N LEU B 282 3.70 14.54 -4.35
CA LEU B 282 4.57 15.66 -4.70
C LEU B 282 3.91 16.96 -4.28
N THR B 283 4.66 17.83 -3.61
CA THR B 283 4.12 19.14 -3.23
C THR B 283 5.25 20.15 -3.03
N THR B 284 4.90 21.34 -2.52
CA THR B 284 5.89 22.38 -2.31
C THR B 284 6.35 22.37 -0.86
N GLN B 285 7.43 23.10 -0.57
CA GLN B 285 7.90 23.26 0.79
C GLN B 285 6.87 23.95 1.68
N GLU B 286 6.23 25.00 1.17
CA GLU B 286 5.24 25.72 1.94
C GLU B 286 4.13 24.79 2.42
N ILE B 287 3.66 23.92 1.53
CA ILE B 287 2.57 23.02 1.89
C ILE B 287 3.04 21.89 2.80
N ALA B 288 4.16 21.25 2.42
CA ALA B 288 4.65 20.10 3.19
C ALA B 288 5.04 20.47 4.60
N SER B 289 5.42 21.73 4.82
CA SER B 289 5.83 22.20 6.15
C SER B 289 4.69 22.17 7.18
N ALA B 290 3.46 21.90 6.71
CA ALA B 290 2.34 21.68 7.63
C ALA B 290 2.39 20.29 8.25
N PHE B 291 3.09 19.35 7.63
CA PHE B 291 3.29 18.00 8.18
C PHE B 291 4.46 17.93 9.13
N GLY B 297 15.27 16.19 5.11
CA GLY B 297 15.57 16.72 3.79
C GLY B 297 14.33 16.93 2.94
N SER B 298 14.47 16.78 1.62
CA SER B 298 13.35 17.03 0.69
C SER B 298 12.51 15.79 0.36
N THR B 299 12.94 14.63 0.83
CA THR B 299 12.27 13.36 0.56
CA THR B 299 12.28 13.37 0.55
C THR B 299 11.99 12.63 1.86
N TYR B 300 10.82 12.01 1.95
CA TYR B 300 10.43 11.22 3.11
C TYR B 300 9.93 9.87 2.63
N GLY B 301 10.35 8.81 3.32
CA GLY B 301 9.86 7.48 2.99
C GLY B 301 10.53 6.90 1.76
N GLY B 302 10.00 5.75 1.34
CA GLY B 302 10.45 5.09 0.15
C GLY B 302 11.22 3.83 0.44
N ASN B 303 10.69 2.72 -0.06
CA ASN B 303 11.36 1.43 0.06
C ASN B 303 12.59 1.44 -0.87
N PRO B 304 13.80 1.11 -0.35
CA PRO B 304 15.00 1.13 -1.20
C PRO B 304 14.86 0.34 -2.51
N LEU B 305 14.32 -0.87 -2.43
CA LEU B 305 14.16 -1.69 -3.61
C LEU B 305 13.18 -1.04 -4.58
N ALA B 306 12.03 -0.61 -4.06
CA ALA B 306 11.01 0.06 -4.86
C ALA B 306 11.58 1.30 -5.55
N CYS B 307 12.35 2.09 -4.81
CA CYS B 307 12.87 3.33 -5.36
C CYS B 307 14.00 3.10 -6.37
N ALA B 308 14.75 2.02 -6.20
CA ALA B 308 15.75 1.68 -7.22
C ALA B 308 15.07 1.34 -8.55
N VAL B 309 14.02 0.53 -8.49
CA VAL B 309 13.26 0.19 -9.68
C VAL B 309 12.61 1.42 -10.29
N ALA B 310 11.98 2.26 -9.46
CA ALA B 310 11.32 3.45 -9.97
C ALA B 310 12.33 4.42 -10.58
N GLY B 311 13.54 4.49 -10.02
CA GLY B 311 14.58 5.34 -10.60
C GLY B 311 14.93 4.88 -12.00
N ALA B 312 15.07 3.58 -12.20
CA ALA B 312 15.36 3.03 -13.54
C ALA B 312 14.21 3.29 -14.51
N THR B 313 12.99 3.17 -14.00
CA THR B 313 11.81 3.43 -14.81
C THR B 313 11.76 4.90 -15.23
N PHE B 314 11.94 5.78 -14.26
CA PHE B 314 11.94 7.22 -14.50
C PHE B 314 12.99 7.59 -15.55
N ASP B 315 14.18 7.01 -15.44
CA ASP B 315 15.28 7.36 -16.34
C ASP B 315 14.96 7.02 -17.79
N ILE B 316 14.15 6.00 -18.01
CA ILE B 316 13.75 5.62 -19.36
C ILE B 316 12.57 6.45 -19.85
N ILE B 317 11.56 6.59 -19.01
CA ILE B 317 10.34 7.28 -19.42
C ILE B 317 10.60 8.77 -19.68
N ASN B 318 11.39 9.39 -18.82
CA ASN B 318 11.67 10.81 -18.94
C ASN B 318 12.78 11.10 -19.95
N THR B 319 12.56 10.66 -21.18
CA THR B 319 13.48 10.93 -22.28
C THR B 319 12.67 11.50 -23.45
N PRO B 320 13.27 12.44 -24.21
CA PRO B 320 12.53 12.98 -25.36
C PRO B 320 12.07 11.88 -26.30
N GLU B 321 12.90 10.89 -26.56
CA GLU B 321 12.60 9.81 -27.49
C GLU B 321 11.43 8.92 -27.03
N VAL B 322 11.39 8.53 -25.76
CA VAL B 322 10.27 7.70 -25.28
C VAL B 322 8.98 8.52 -25.30
N LEU B 323 9.07 9.76 -24.86
CA LEU B 323 7.88 10.61 -24.86
C LEU B 323 7.35 10.88 -26.27
N GLN B 324 8.23 11.12 -27.24
CA GLN B 324 7.79 11.26 -28.63
C GLN B 324 7.15 9.96 -29.13
N GLY B 325 7.78 8.84 -28.81
CA GLY B 325 7.30 7.52 -29.23
C GLY B 325 5.89 7.21 -28.76
N ILE B 326 5.53 7.72 -27.58
CA ILE B 326 4.19 7.54 -27.03
C ILE B 326 3.15 8.16 -27.97
N HIS B 327 3.48 9.30 -28.56
CA HIS B 327 2.58 9.94 -29.53
C HIS B 327 2.51 9.19 -30.83
N THR B 328 3.65 8.70 -31.30
CA THR B 328 3.65 7.87 -32.52
C THR B 328 2.78 6.63 -32.33
N LYS B 329 3.00 5.96 -31.21
CA LYS B 329 2.31 4.72 -30.91
C LYS B 329 0.81 4.96 -30.69
N ARG B 330 0.45 6.06 -30.04
CA ARG B 330 -0.96 6.38 -29.92
C ARG B 330 -1.62 6.40 -31.29
N GLN B 331 -0.99 7.06 -32.26
CA GLN B 331 -1.63 7.15 -33.56
C GLN B 331 -1.70 5.82 -34.27
N GLN B 332 -0.73 4.95 -34.03
CA GLN B 332 -0.80 3.58 -34.55
C GLN B 332 -2.01 2.84 -34.00
N PHE B 333 -2.25 2.94 -32.69
CA PHE B 333 -3.43 2.34 -32.10
C PHE B 333 -4.72 2.95 -32.66
N VAL B 334 -4.75 4.28 -32.73
CA VAL B 334 -5.96 4.98 -33.15
C VAL B 334 -6.33 4.63 -34.61
N GLN B 335 -5.33 4.55 -35.48
CA GLN B 335 -5.60 4.18 -36.87
C GLN B 335 -6.20 2.79 -36.94
N HIS B 336 -5.68 1.85 -36.13
CA HIS B 336 -6.29 0.52 -36.05
C HIS B 336 -7.70 0.55 -35.55
N LEU B 337 -7.97 1.35 -34.51
CA LEU B 337 -9.32 1.46 -33.97
C LEU B 337 -10.27 2.05 -35.01
N GLN B 338 -9.79 3.06 -35.74
CA GLN B 338 -10.59 3.64 -36.82
C GLN B 338 -10.88 2.63 -37.92
N ALA B 339 -9.89 1.81 -38.29
CA ALA B 339 -10.09 0.73 -39.27
C ALA B 339 -11.10 -0.32 -38.80
N ILE B 340 -11.04 -0.68 -37.51
CA ILE B 340 -12.04 -1.57 -36.93
C ILE B 340 -13.42 -0.96 -37.01
N ASP B 341 -13.51 0.34 -36.69
CA ASP B 341 -14.80 1.01 -36.74
C ASP B 341 -15.34 1.10 -38.17
N GLU B 342 -14.46 1.31 -39.14
CA GLU B 342 -14.87 1.36 -40.53
CA GLU B 342 -14.87 1.37 -40.53
C GLU B 342 -15.49 0.04 -40.95
N GLN B 343 -14.88 -1.06 -40.53
CA GLN B 343 -15.35 -2.40 -40.89
C GLN B 343 -16.59 -2.82 -40.12
N PHE B 344 -16.66 -2.50 -38.82
CA PHE B 344 -17.69 -3.08 -37.96
C PHE B 344 -18.69 -2.11 -37.36
N ASP B 345 -18.40 -0.81 -37.43
CA ASP B 345 -19.29 0.25 -36.96
C ASP B 345 -19.65 0.04 -35.47
N ILE B 346 -18.64 0.13 -34.61
CA ILE B 346 -18.86 -0.12 -33.18
C ILE B 346 -18.58 1.05 -32.25
N PHE B 347 -17.85 2.06 -32.71
CA PHE B 347 -17.40 3.15 -31.83
C PHE B 347 -18.04 4.49 -32.17
N SER B 348 -18.39 5.25 -31.13
CA SER B 348 -18.89 6.62 -31.31
C SER B 348 -17.79 7.66 -31.09
N ASP B 349 -16.70 7.28 -30.41
CA ASP B 349 -15.66 8.24 -30.06
C ASP B 349 -14.40 7.50 -29.70
N ILE B 350 -13.26 8.04 -30.13
CA ILE B 350 -11.93 7.58 -29.70
C ILE B 350 -11.27 8.78 -29.03
N ARG B 351 -10.80 8.58 -27.81
CA ARG B 351 -10.32 9.68 -26.98
C ARG B 351 -9.20 9.26 -26.03
N GLY B 352 -8.94 10.10 -25.03
CA GLY B 352 -7.78 9.92 -24.17
C GLY B 352 -6.60 10.76 -24.63
N MET B 353 -5.42 10.46 -24.07
CA MET B 353 -4.22 11.20 -24.37
C MET B 353 -3.07 10.22 -24.33
N GLY B 354 -2.10 10.40 -25.22
CA GLY B 354 -0.96 9.49 -25.22
C GLY B 354 -1.39 8.04 -25.30
N LEU B 355 -0.81 7.20 -24.44
CA LEU B 355 -1.17 5.79 -24.47
C LEU B 355 -2.17 5.41 -23.37
N LEU B 356 -3.03 6.36 -23.02
CA LEU B 356 -4.30 6.06 -22.36
C LEU B 356 -5.36 6.32 -23.43
N ILE B 357 -5.96 5.25 -23.95
CA ILE B 357 -6.90 5.37 -25.06
C ILE B 357 -8.25 4.85 -24.62
N GLY B 358 -9.29 5.61 -24.92
CA GLY B 358 -10.66 5.16 -24.73
C GLY B 358 -11.38 5.08 -26.05
N ALA B 359 -12.19 4.04 -26.21
CA ALA B 359 -13.03 3.94 -27.40
C ALA B 359 -14.44 3.66 -26.93
N GLU B 360 -15.32 4.67 -27.07
CA GLU B 360 -16.68 4.56 -26.59
C GLU B 360 -17.52 3.78 -27.58
N LEU B 361 -18.28 2.82 -27.07
CA LEU B 361 -19.17 2.02 -27.93
C LEU B 361 -20.41 2.80 -28.34
N LYS B 362 -20.83 2.62 -29.59
CA LYS B 362 -22.11 3.16 -30.06
C LYS B 362 -23.26 2.64 -29.21
N PRO B 363 -24.40 3.38 -29.17
CA PRO B 363 -25.57 2.94 -28.42
C PRO B 363 -26.02 1.51 -28.71
N LYS B 364 -25.89 1.07 -29.95
CA LYS B 364 -26.20 -0.31 -30.36
C LYS B 364 -25.42 -1.35 -29.51
N TYR B 365 -24.27 -0.93 -28.98
CA TYR B 365 -23.41 -1.80 -28.18
C TYR B 365 -23.26 -1.32 -26.73
N LYS B 366 -24.21 -0.52 -26.27
CA LYS B 366 -24.23 -0.06 -24.90
C LYS B 366 -24.13 -1.26 -23.95
N GLY B 367 -23.26 -1.16 -22.95
CA GLY B 367 -23.14 -2.21 -21.94
C GLY B 367 -22.35 -3.44 -22.37
N ARG B 368 -21.73 -3.38 -23.55
CA ARG B 368 -21.02 -4.55 -24.08
C ARG B 368 -19.51 -4.55 -23.86
N ALA B 369 -18.98 -3.56 -23.15
CA ALA B 369 -17.52 -3.45 -23.00
C ALA B 369 -16.89 -4.72 -22.42
N ARG B 370 -17.54 -5.35 -21.44
CA ARG B 370 -16.99 -6.58 -20.84
CA ARG B 370 -16.99 -6.58 -20.84
C ARG B 370 -16.95 -7.69 -21.87
N ASP B 371 -17.97 -7.74 -22.73
CA ASP B 371 -18.03 -8.80 -23.74
C ASP B 371 -16.93 -8.67 -24.79
N PHE B 372 -16.66 -7.43 -25.21
CA PHE B 372 -15.52 -7.21 -26.11
C PHE B 372 -14.18 -7.55 -25.44
N LEU B 373 -14.06 -7.24 -24.14
CA LEU B 373 -12.86 -7.59 -23.39
C LEU B 373 -12.62 -9.11 -23.34
N TYR B 374 -13.67 -9.85 -23.00
CA TYR B 374 -13.55 -11.31 -22.92
C TYR B 374 -13.32 -11.92 -24.30
N ALA B 375 -13.99 -11.37 -25.31
CA ALA B 375 -13.73 -11.83 -26.67
C ALA B 375 -12.29 -11.53 -27.08
N GLY B 376 -11.78 -10.37 -26.70
CA GLY B 376 -10.38 -10.05 -26.93
C GLY B 376 -9.46 -11.09 -26.33
N ALA B 377 -9.72 -11.47 -25.08
CA ALA B 377 -8.86 -12.47 -24.44
C ALA B 377 -8.88 -13.81 -25.18
N GLU B 378 -10.06 -14.23 -25.64
CA GLU B 378 -10.16 -15.47 -26.41
CA GLU B 378 -10.16 -15.47 -26.42
C GLU B 378 -9.31 -15.36 -27.68
N ALA B 379 -9.27 -14.17 -28.27
CA ALA B 379 -8.47 -13.93 -29.47
C ALA B 379 -6.99 -13.67 -29.18
N GLY B 380 -6.60 -13.69 -27.90
CA GLY B 380 -5.21 -13.49 -27.54
C GLY B 380 -4.75 -12.04 -27.37
N VAL B 381 -5.66 -11.14 -26.96
CA VAL B 381 -5.27 -9.77 -26.65
C VAL B 381 -5.94 -9.33 -25.36
N MET B 382 -5.16 -8.69 -24.48
CA MET B 382 -5.62 -8.18 -23.20
C MET B 382 -5.93 -6.70 -23.29
N VAL B 383 -7.19 -6.35 -23.05
CA VAL B 383 -7.63 -4.95 -23.10
C VAL B 383 -8.35 -4.61 -21.79
N LEU B 384 -8.82 -3.37 -21.69
CA LEU B 384 -9.48 -2.87 -20.48
C LEU B 384 -10.88 -2.35 -20.81
N ASN B 385 -11.63 -2.04 -19.76
CA ASN B 385 -12.86 -1.27 -19.90
C ASN B 385 -12.69 0.02 -19.12
N ALA B 386 -13.62 0.94 -19.30
CA ALA B 386 -13.66 2.15 -18.49
C ALA B 386 -15.14 2.46 -18.28
N GLY B 387 -15.78 1.58 -17.51
CA GLY B 387 -17.24 1.52 -17.47
C GLY B 387 -17.72 0.58 -18.56
N ALA B 388 -19.01 0.27 -18.48
CA ALA B 388 -19.63 -0.74 -19.32
C ALA B 388 -19.76 -0.36 -20.79
N ASP B 389 -19.52 0.90 -21.11
CA ASP B 389 -19.70 1.42 -22.48
C ASP B 389 -18.40 1.80 -23.20
N VAL B 390 -17.25 1.59 -22.55
CA VAL B 390 -16.00 2.15 -23.06
C VAL B 390 -14.87 1.12 -23.00
N MET B 391 -14.22 0.90 -24.15
CA MET B 391 -13.00 0.11 -24.19
C MET B 391 -11.84 1.02 -23.81
N ARG B 392 -10.88 0.46 -23.08
CA ARG B 392 -9.70 1.22 -22.68
C ARG B 392 -8.44 0.41 -23.01
N PHE B 393 -7.40 1.15 -23.40
CA PHE B 393 -6.10 0.58 -23.74
C PHE B 393 -5.05 1.36 -22.96
N ALA B 394 -4.16 0.64 -22.32
CA ALA B 394 -3.07 1.25 -21.57
C ALA B 394 -1.81 0.39 -21.69
N PRO B 395 -1.28 0.28 -22.91
CA PRO B 395 -0.11 -0.59 -23.15
C PRO B 395 1.18 0.01 -22.62
N SER B 396 2.19 -0.84 -22.52
CA SER B 396 3.56 -0.38 -22.35
C SER B 396 3.82 0.84 -23.22
N LEU B 397 4.47 1.83 -22.63
CA LEU B 397 4.86 3.05 -23.35
C LEU B 397 5.92 2.78 -24.42
N VAL B 398 6.56 1.61 -24.35
CA VAL B 398 7.54 1.22 -25.35
C VAL B 398 7.06 0.01 -26.17
N VAL B 399 5.75 -0.23 -26.17
CA VAL B 399 5.18 -1.34 -26.93
C VAL B 399 5.68 -1.29 -28.39
N GLU B 400 6.19 -2.42 -28.86
CA GLU B 400 6.76 -2.49 -30.22
CA GLU B 400 6.77 -2.48 -30.21
C GLU B 400 5.68 -2.38 -31.27
N GLU B 401 6.00 -1.71 -32.38
CA GLU B 401 5.04 -1.58 -33.48
C GLU B 401 4.46 -2.94 -33.93
N ALA B 402 5.31 -3.97 -33.99
CA ALA B 402 4.87 -5.30 -34.36
C ALA B 402 3.78 -5.81 -33.40
N ASP B 403 3.91 -5.49 -32.11
CA ASP B 403 2.91 -5.92 -31.13
C ASP B 403 1.61 -5.12 -31.25
N ILE B 404 1.73 -3.83 -31.54
CA ILE B 404 0.54 -3.03 -31.82
C ILE B 404 -0.25 -3.64 -32.98
N HIS B 405 0.44 -3.95 -34.08
CA HIS B 405 -0.27 -4.47 -35.25
C HIS B 405 -0.86 -5.82 -34.97
N GLU B 406 -0.08 -6.72 -34.38
CA GLU B 406 -0.58 -8.05 -34.08
C GLU B 406 -1.76 -8.05 -33.09
N GLY B 407 -1.61 -7.30 -32.00
CA GLY B 407 -2.66 -7.25 -30.99
C GLY B 407 -3.93 -6.62 -31.53
N MET B 408 -3.78 -5.60 -32.37
CA MET B 408 -4.95 -4.96 -32.94
C MET B 408 -5.63 -5.83 -34.00
N GLN B 409 -4.86 -6.64 -34.71
CA GLN B 409 -5.45 -7.65 -35.61
C GLN B 409 -6.25 -8.65 -34.79
N ARG B 410 -5.72 -9.05 -33.64
CA ARG B 410 -6.43 -9.98 -32.76
C ARG B 410 -7.70 -9.33 -32.22
N PHE B 411 -7.60 -8.05 -31.85
CA PHE B 411 -8.77 -7.35 -31.38
C PHE B 411 -9.85 -7.24 -32.48
N ALA B 412 -9.43 -7.00 -33.72
CA ALA B 412 -10.36 -6.97 -34.86
C ALA B 412 -11.07 -8.31 -35.03
N GLN B 413 -10.32 -9.41 -34.88
CA GLN B 413 -10.90 -10.74 -34.95
CA GLN B 413 -10.89 -10.75 -34.94
C GLN B 413 -11.96 -10.93 -33.86
N ALA B 414 -11.65 -10.48 -32.63
CA ALA B 414 -12.61 -10.57 -31.53
C ALA B 414 -13.87 -9.75 -31.80
N VAL B 415 -13.69 -8.53 -32.28
CA VAL B 415 -14.83 -7.70 -32.63
C VAL B 415 -15.71 -8.41 -33.65
N GLY B 416 -15.07 -9.02 -34.66
CA GLY B 416 -15.79 -9.76 -35.70
C GLY B 416 -16.67 -10.86 -35.13
N LYS B 417 -16.17 -11.53 -34.10
CA LYS B 417 -16.92 -12.58 -33.44
C LYS B 417 -18.09 -12.02 -32.63
N VAL B 418 -17.88 -10.88 -31.98
CA VAL B 418 -18.93 -10.27 -31.15
C VAL B 418 -20.09 -9.73 -31.98
N VAL B 419 -19.81 -9.15 -33.15
CA VAL B 419 -20.85 -8.48 -33.93
C VAL B 419 -21.38 -9.26 -35.13
N ALA B 420 -20.92 -10.50 -35.30
CA ALA B 420 -21.35 -11.37 -36.42
C ALA B 420 -22.86 -11.59 -36.45
C1 EDO C . 15.19 -9.58 2.76
O1 EDO C . 16.14 -10.40 3.44
C2 EDO C . 15.36 -8.13 3.22
O2 EDO C . 16.52 -7.59 2.56
C1 EDO D . 17.26 -0.67 8.08
O1 EDO D . 16.89 -1.75 8.94
C2 EDO D . 16.81 0.67 8.67
O2 EDO D . 15.39 0.75 8.80
C1 EDO E . -2.12 -9.17 -16.11
O1 EDO E . -2.52 -8.11 -15.24
C2 EDO E . -0.62 -9.11 -16.44
O2 EDO E . -0.36 -7.91 -17.21
C ACT F . -5.47 -6.72 -16.86
O ACT F . -4.72 -6.69 -15.87
OXT ACT F . -5.10 -7.01 -18.01
CH3 ACT F . -6.91 -6.40 -16.63
C ACT G . -6.47 -12.26 33.12
O ACT G . -6.84 -11.13 32.74
OXT ACT G . -5.92 -13.11 32.39
CH3 ACT G . -6.71 -12.57 34.57
C ACT H . -22.29 -13.02 13.27
O ACT H . -22.85 -13.08 12.15
OXT ACT H . -22.72 -13.62 14.27
CH3 ACT H . -21.05 -12.20 13.47
C1 EDO I . -19.98 -15.53 12.67
O1 EDO I . -19.51 -16.72 13.29
C2 EDO I . -19.10 -15.22 11.47
O2 EDO I . -19.67 -15.81 10.29
C1 EDO J . -29.67 -2.78 14.40
O1 EDO J . -30.80 -3.08 15.24
C2 EDO J . -28.41 -3.34 15.06
O2 EDO J . -28.14 -4.67 14.62
O23 P00 K . 2.49 -1.75 6.74
P21 P00 K . 2.00 -0.49 7.42
O24 P00 K . 3.10 0.37 8.00
O22 P00 K . 1.01 0.35 6.63
O20 P00 K . 1.22 -1.08 8.71
C19 P00 K . 0.44 -0.25 9.59
C5 P00 K . 0.35 -0.97 10.92
C6 P00 K . -0.83 -1.60 11.26
N1 P00 K . -0.94 -2.25 12.44
C2 P00 K . 0.10 -2.30 13.29
C7 P00 K . -0.11 -3.05 14.57
C3 P00 K . 1.33 -1.68 12.98
O8 P00 K . 2.37 -1.72 13.85
C4 P00 K . 1.44 -1.01 11.77
C9 P00 K . 2.67 -0.31 11.33
N10 P00 K . 3.62 0.11 12.15
O11 P00 K . 4.66 0.76 11.59
C12 P00 K . 5.58 1.46 12.44
C13 P00 K . 5.01 2.82 12.86
C14 P00 K . 4.59 3.48 11.57
N16 P00 K . 5.90 3.35 10.90
C15 P00 K . 3.89 4.84 11.28
O18 P00 K . 3.67 5.77 12.10
O17 P00 K . 3.58 5.03 10.10
C ACT L . -6.92 -0.22 -0.12
O ACT L . -7.75 -1.08 -0.52
OXT ACT L . -5.98 0.20 -0.85
CH3 ACT L . -7.05 0.30 1.27
C ACT M . -13.63 8.14 19.72
O ACT M . -13.24 7.23 20.50
OXT ACT M . -12.87 8.69 18.88
CH3 ACT M . -15.06 8.59 19.85
NA NA N . -7.45 -22.82 7.40
C1 EDO O . 7.64 -5.36 -14.86
O1 EDO O . 7.90 -6.77 -14.94
C2 EDO O . 8.96 -4.61 -15.02
O2 EDO O . 9.37 -4.65 -16.40
C ACT P . -13.22 24.70 -22.43
O ACT P . -11.99 24.48 -22.59
OXT ACT P . -13.88 24.20 -21.51
CH3 ACT P . -13.95 25.61 -23.36
C ACT Q . 14.77 1.61 12.35
O ACT Q . 14.32 1.41 11.21
OXT ACT Q . 15.80 1.03 12.75
CH3 ACT Q . 14.07 2.60 13.25
C ACT R . -10.15 -12.15 -18.77
O ACT R . -10.73 -13.20 -18.42
OXT ACT R . -9.80 -11.94 -19.94
CH3 ACT R . -9.87 -11.08 -17.76
C ACT S . -23.27 4.30 -25.22
O ACT S . -23.30 3.06 -25.42
OXT ACT S . -22.23 4.88 -24.85
CH3 ACT S . -24.52 5.11 -25.42
C1 EDO T . 0.19 27.24 -0.83
O1 EDO T . 1.47 27.86 -0.73
C2 EDO T . -0.86 28.33 -1.01
O2 EDO T . -0.55 29.05 -2.21
C ACT U . -0.87 5.49 4.50
O ACT U . -0.70 4.25 4.54
OXT ACT U . 0.05 6.29 4.78
CH3 ACT U . -2.21 6.03 4.12
C1 TNF V . -17.09 -13.67 -11.32
C2 TNF V . -17.36 -12.28 -11.75
C3 TNF V . -18.35 -11.55 -11.11
C4 TNF V . -19.09 -12.10 -10.07
N4 TNF V . -20.08 -11.29 -9.47
N2 TNF V . -16.63 -11.71 -12.81
O1 TNF V . -16.14 -14.41 -11.92
O21 TNF V . -16.28 -10.37 -12.74
O22 TNF V . -16.31 -12.39 -13.77
O41 TNF V . -20.32 -10.01 -9.96
C6 TNF V . -17.91 -14.23 -10.20
C5 TNF V . -18.88 -13.41 -9.63
O42 TNF V . -20.71 -11.71 -8.51
N6 TNF V . -17.69 -15.54 -9.77
O61 TNF V . -16.58 -16.27 -10.22
O62 TNF V . -18.49 -16.09 -9.02
C ACT W . -21.32 13.39 -1.15
O ACT W . -21.04 12.21 -0.86
OXT ACT W . -21.01 13.87 -2.26
CH3 ACT W . -22.05 14.25 -0.15
C1 EDO X . -10.24 -3.95 -15.27
O1 EDO X . -11.27 -3.50 -14.35
C2 EDO X . -10.83 -3.90 -16.67
O2 EDO X . -10.95 -2.53 -17.02
NA NA Y . 10.85 21.24 -8.71
O23 P00 Z . -2.10 2.05 -6.66
P21 P00 Z . -3.57 1.95 -6.29
O24 P00 Z . -4.30 0.89 -7.07
O22 P00 Z . -3.87 1.94 -4.82
O20 P00 Z . -4.15 3.35 -6.86
C19 P00 Z . -5.53 3.74 -6.71
C5 P00 Z . -5.87 4.74 -7.80
C6 P00 Z . -5.91 6.09 -7.48
N1 P00 Z . -6.21 6.99 -8.43
C2 P00 Z . -6.46 6.62 -9.69
C7 P00 Z . -6.77 7.72 -10.65
C3 P00 Z . -6.43 5.28 -10.07
O8 P00 Z . -6.71 4.91 -11.35
C4 P00 Z . -6.13 4.31 -9.10
C9 P00 Z . -6.07 2.86 -9.41
N10 P00 Z . -6.87 2.22 -10.26
O11 P00 Z . -6.70 0.89 -10.43
C12 P00 Z . -7.82 0.04 -10.66
C13 P00 Z . -8.40 -0.53 -9.78
C14 P00 Z . -7.84 -1.54 -8.74
N16 P00 Z . -7.81 -3.00 -9.11
C15 P00 Z . -8.72 -1.28 -7.53
O18 P00 Z . -8.24 -0.79 -6.53
O17 P00 Z . -9.91 -1.52 -7.60
#